data_4XHS
#
_entry.id   4XHS
#
_cell.length_a   52.720
_cell.length_b   103.620
_cell.length_c   186.740
_cell.angle_alpha   90.00
_cell.angle_beta   90.00
_cell.angle_gamma   90.00
#
_symmetry.space_group_name_H-M   'P 2 21 21'
#
loop_
_entity.id
_entity.type
_entity.pdbx_description
1 polymer 'Maltose-binding periplasmic protein,NACHT, LRR and PYD domains-containing protein 12'
2 branched alpha-D-glucopyranose-(1-4)-alpha-D-glucopyranose
3 non-polymer 'FORMIC ACID'
4 non-polymer 'SODIUM ION'
5 water water
#
_entity_poly.entity_id   1
_entity_poly.type   'polypeptide(L)'
_entity_poly.pdbx_seq_one_letter_code
;MKIEEGKLVIWINGDKGYNGLAEVGKKFEKDTGIKVTVEHPDKLEEKFPQVAATGDGPDIIFWAHDRFGGYAQSGLLAEI
TPAAAFQDKLYPFTWDAVRYNGKLIAYPIAVEALSLIYNKDLLPNPPKTWEEIPALDKELKAKGKSALMFNLQEPYFTWP
LIAADGGYAFKYAAGKYDIKDVGVDNAGAKAGLTFLVDLIKNKHMNADTDYSIAEAAFNKGETAMTINGPWAWSNIDTSA
VNYGVTVLPTFKGQPSKPFVGVLSAGINAASPNKELAKEFLENYLLTDEGLEAVNKDKPLGAVALKSYEEELAKDPRIAA
TMENAQKGEIMPNIPQMSAFWYAVRTAVINAASGRQTVDAALAAAQTNAARAFAAALCRLSTYLEELEAVELKKFKLYLG
TATELGEGKIPWGSMEKAGPLEMAQLLITHFGPEEAWRLALSTFERINRKDLWERGQREDLVRDTPPGGPSSLEHHHHHH
;
_entity_poly.pdbx_strand_id   A,B
#
loop_
_chem_comp.id
_chem_comp.type
_chem_comp.name
_chem_comp.formula
FMT non-polymer 'FORMIC ACID' 'C H2 O2'
GLC D-saccharide, alpha linking alpha-D-glucopyranose 'C6 H12 O6'
NA non-polymer 'SODIUM ION' 'Na 1'
#
# COMPACT_ATOMS: atom_id res chain seq x y z
N MET A 1 1.80 -36.04 28.69
CA MET A 1 1.48 -35.64 30.06
C MET A 1 0.53 -34.45 30.13
N LYS A 2 -0.61 -34.64 30.78
CA LYS A 2 -1.57 -33.55 30.98
C LYS A 2 -1.10 -32.60 32.07
N ILE A 3 -1.56 -31.36 32.00
CA ILE A 3 -1.29 -30.37 33.04
C ILE A 3 -1.98 -30.81 34.33
N GLU A 4 -1.27 -30.70 35.45
CA GLU A 4 -1.91 -30.82 36.75
C GLU A 4 -1.23 -29.87 37.71
N GLU A 5 -1.97 -29.35 38.68
CA GLU A 5 -1.37 -28.47 39.68
C GLU A 5 -0.30 -29.25 40.43
N GLY A 6 0.86 -28.63 40.62
CA GLY A 6 1.95 -29.26 41.33
C GLY A 6 3.02 -29.98 40.51
N LYS A 7 2.90 -29.88 39.18
CA LYS A 7 3.90 -30.41 38.24
CA LYS A 7 3.89 -30.42 38.25
C LYS A 7 4.04 -29.43 37.09
N LEU A 8 5.11 -29.57 36.31
CA LEU A 8 5.26 -28.74 35.10
C LEU A 8 5.30 -29.60 33.85
N VAL A 9 4.63 -29.13 32.81
CA VAL A 9 4.71 -29.71 31.47
C VAL A 9 5.29 -28.64 30.56
N ILE A 10 6.38 -28.96 29.87
CA ILE A 10 7.08 -28.00 29.01
C ILE A 10 7.08 -28.48 27.56
N TRP A 11 6.79 -27.57 26.61
CA TRP A 11 6.92 -27.87 25.18
C TRP A 11 8.11 -27.13 24.58
N ILE A 12 8.94 -27.84 23.82
CA ILE A 12 10.04 -27.20 23.09
C ILE A 12 10.21 -27.92 21.77
N ASN A 13 10.65 -27.22 20.73
CA ASN A 13 10.71 -27.83 19.41
C ASN A 13 11.73 -28.96 19.33
N GLY A 14 11.46 -29.92 18.48
CA GLY A 14 12.29 -31.11 18.36
C GLY A 14 13.70 -30.90 17.86
N ASP A 15 13.99 -29.74 17.27
CA ASP A 15 15.36 -29.49 16.83
C ASP A 15 16.23 -28.87 17.93
N LYS A 16 15.65 -28.62 19.10
CA LYS A 16 16.38 -27.98 20.19
C LYS A 16 16.83 -29.03 21.23
N GLY A 17 17.56 -28.58 22.24
CA GLY A 17 18.13 -29.48 23.24
C GLY A 17 17.16 -29.95 24.32
N TYR A 18 16.13 -30.72 23.93
CA TYR A 18 15.11 -31.10 24.91
C TYR A 18 15.61 -32.11 25.95
N ASN A 19 16.62 -32.90 25.58
CA ASN A 19 17.18 -33.83 26.58
C ASN A 19 17.99 -33.06 27.62
N GLY A 20 18.69 -32.03 27.17
CA GLY A 20 19.38 -31.13 28.09
C GLY A 20 18.39 -30.40 29.00
N LEU A 21 17.28 -29.95 28.44
CA LEU A 21 16.26 -29.28 29.24
C LEU A 21 15.68 -30.25 30.28
N ALA A 22 15.58 -31.52 29.91
CA ALA A 22 15.07 -32.52 30.85
C ALA A 22 16.05 -32.71 32.01
N GLU A 23 17.34 -32.49 31.79
CA GLU A 23 18.31 -32.57 32.88
CA GLU A 23 18.31 -32.56 32.87
C GLU A 23 18.06 -31.44 33.87
N VAL A 24 17.71 -30.25 33.38
CA VAL A 24 17.38 -29.13 34.27
C VAL A 24 16.11 -29.47 35.05
N GLY A 25 15.15 -30.07 34.34
CA GLY A 25 13.92 -30.55 34.97
C GLY A 25 14.18 -31.57 36.08
N LYS A 26 15.14 -32.46 35.86
CA LYS A 26 15.43 -33.49 36.86
C LYS A 26 16.15 -32.87 38.06
N LYS A 27 17.03 -31.91 37.81
CA LYS A 27 17.67 -31.20 38.90
C LYS A 27 16.62 -30.45 39.73
N PHE A 28 15.68 -29.82 39.05
CA PHE A 28 14.58 -29.12 39.71
C PHE A 28 13.80 -30.08 40.62
N GLU A 29 13.51 -31.27 40.11
CA GLU A 29 12.72 -32.23 40.88
C GLU A 29 13.52 -32.67 42.10
N LYS A 30 14.81 -32.91 41.91
CA LYS A 30 15.67 -33.30 43.02
C LYS A 30 15.62 -32.26 44.13
N ASP A 31 15.68 -30.99 43.75
CA ASP A 31 15.81 -29.90 44.71
C ASP A 31 14.50 -29.42 45.30
N THR A 32 13.37 -29.78 44.69
CA THR A 32 12.08 -29.24 45.13
C THR A 32 11.02 -30.29 45.41
N GLY A 33 11.24 -31.50 44.90
CA GLY A 33 10.24 -32.55 44.96
C GLY A 33 9.22 -32.50 43.84
N ILE A 34 9.35 -31.53 42.93
CA ILE A 34 8.34 -31.26 41.91
C ILE A 34 8.73 -31.81 40.53
N LYS A 35 7.87 -32.64 39.94
CA LYS A 35 8.15 -33.27 38.65
C LYS A 35 8.02 -32.31 37.47
N VAL A 36 8.94 -32.43 36.52
CA VAL A 36 8.92 -31.66 35.28
C VAL A 36 8.96 -32.63 34.12
N THR A 37 8.06 -32.45 33.16
CA THR A 37 8.02 -33.28 31.98
C THR A 37 8.27 -32.40 30.75
N VAL A 38 9.30 -32.74 29.98
CA VAL A 38 9.60 -32.02 28.75
C VAL A 38 9.13 -32.81 27.54
N GLU A 39 8.34 -32.16 26.69
CA GLU A 39 7.82 -32.80 25.47
C GLU A 39 8.18 -31.98 24.25
N HIS A 40 8.21 -32.62 23.08
CA HIS A 40 8.47 -31.90 21.84
C HIS A 40 7.50 -32.30 20.73
N PRO A 41 6.23 -31.88 20.88
CA PRO A 41 5.18 -32.26 19.93
C PRO A 41 5.47 -31.71 18.53
N ASP A 42 4.97 -32.38 17.49
CA ASP A 42 5.05 -31.81 16.14
C ASP A 42 4.16 -30.57 16.07
N LYS A 43 4.59 -29.59 15.27
CA LYS A 43 3.80 -28.39 15.03
C LYS A 43 3.30 -27.74 16.31
N LEU A 44 4.14 -27.71 17.35
CA LEU A 44 3.69 -27.24 18.65
C LEU A 44 3.24 -25.78 18.60
N GLU A 45 3.79 -25.01 17.66
CA GLU A 45 3.48 -23.58 17.60
C GLU A 45 2.09 -23.36 16.99
N GLU A 46 1.59 -24.34 16.25
CA GLU A 46 0.22 -24.30 15.74
C GLU A 46 -0.73 -24.94 16.74
N LYS A 47 -0.24 -25.95 17.45
CA LYS A 47 -1.05 -26.68 18.40
C LYS A 47 -1.38 -25.82 19.62
N PHE A 48 -0.43 -25.01 20.07
CA PHE A 48 -0.60 -24.25 21.31
C PHE A 48 -1.84 -23.37 21.35
N PRO A 49 -2.09 -22.56 20.29
CA PRO A 49 -3.31 -21.75 20.43
C PRO A 49 -4.60 -22.58 20.35
N GLN A 50 -4.52 -23.82 19.86
CA GLN A 50 -5.67 -24.72 19.79
CA GLN A 50 -5.71 -24.65 19.80
C GLN A 50 -6.01 -25.34 21.13
N VAL A 51 -4.99 -25.60 21.94
CA VAL A 51 -5.21 -26.33 23.21
C VAL A 51 -4.73 -25.63 24.49
N ALA A 52 -4.31 -24.37 24.39
CA ALA A 52 -3.71 -23.66 25.53
C ALA A 52 -4.57 -23.58 26.77
N ALA A 53 -5.89 -23.49 26.59
CA ALA A 53 -6.78 -23.30 27.73
C ALA A 53 -7.15 -24.64 28.36
N THR A 54 -6.57 -25.73 27.85
CA THR A 54 -6.90 -27.08 28.31
C THR A 54 -5.76 -27.80 29.02
N GLY A 55 -6.06 -28.99 29.54
CA GLY A 55 -5.08 -29.78 30.25
C GLY A 55 -4.13 -30.49 29.30
N ASP A 56 -4.45 -30.43 28.00
CA ASP A 56 -3.59 -31.03 26.99
C ASP A 56 -2.63 -30.03 26.37
N GLY A 57 -2.57 -28.83 26.95
CA GLY A 57 -1.53 -27.86 26.60
C GLY A 57 -0.39 -27.93 27.59
N PRO A 58 0.62 -27.06 27.43
CA PRO A 58 1.77 -27.05 28.35
C PRO A 58 1.69 -25.94 29.38
N ASP A 59 2.41 -26.06 30.50
CA ASP A 59 2.51 -24.94 31.42
C ASP A 59 3.45 -23.87 30.84
N ILE A 60 4.48 -24.34 30.13
CA ILE A 60 5.49 -23.46 29.54
C ILE A 60 5.72 -23.84 28.08
N ILE A 61 5.73 -22.84 27.20
CA ILE A 61 5.98 -23.07 25.78
C ILE A 61 7.25 -22.33 25.32
N PHE A 62 8.13 -23.06 24.63
CA PHE A 62 9.34 -22.48 24.01
C PHE A 62 9.14 -22.31 22.51
N TRP A 63 9.42 -21.13 22.01
CA TRP A 63 9.45 -20.89 20.56
C TRP A 63 10.21 -19.59 20.32
N ALA A 64 10.59 -19.32 19.08
CA ALA A 64 11.11 -18.01 18.77
C ALA A 64 10.05 -16.95 19.11
N HIS A 65 10.52 -15.75 19.45
CA HIS A 65 9.66 -14.69 19.94
C HIS A 65 8.61 -14.21 18.93
N ASP A 66 8.77 -14.51 17.65
CA ASP A 66 7.85 -13.92 16.65
C ASP A 66 6.41 -14.41 16.82
N ARG A 67 6.21 -15.61 17.37
CA ARG A 67 4.86 -16.13 17.51
CA ARG A 67 4.86 -16.14 17.52
C ARG A 67 4.17 -15.58 18.76
N PHE A 68 4.93 -14.97 19.65
CA PHE A 68 4.38 -14.68 20.98
C PHE A 68 3.42 -13.51 21.05
N GLY A 69 3.56 -12.54 20.15
CA GLY A 69 2.63 -11.42 20.16
C GLY A 69 1.22 -11.88 19.85
N GLY A 70 1.09 -12.80 18.88
CA GLY A 70 -0.20 -13.38 18.54
C GLY A 70 -0.80 -14.15 19.69
N TYR A 71 0.04 -14.92 20.38
CA TYR A 71 -0.43 -15.62 21.57
C TYR A 71 -0.93 -14.65 22.63
N ALA A 72 -0.15 -13.59 22.87
CA ALA A 72 -0.50 -12.64 23.92
C ALA A 72 -1.77 -11.87 23.57
N GLN A 73 -1.92 -11.53 22.29
CA GLN A 73 -3.12 -10.83 21.84
C GLN A 73 -4.36 -11.68 22.07
N SER A 74 -4.22 -13.00 21.96
CA SER A 74 -5.33 -13.91 22.25
C SER A 74 -5.48 -14.25 23.73
N GLY A 75 -4.71 -13.59 24.59
CA GLY A 75 -4.82 -13.79 26.03
C GLY A 75 -4.28 -15.13 26.51
N LEU A 76 -3.41 -15.75 25.73
CA LEU A 76 -2.90 -17.08 26.04
C LEU A 76 -1.71 -17.10 27.00
N LEU A 77 -1.08 -15.94 27.22
CA LEU A 77 0.17 -15.87 28.00
C LEU A 77 0.05 -15.03 29.24
N ALA A 78 0.64 -15.53 30.33
CA ALA A 78 0.72 -14.75 31.56
C ALA A 78 1.75 -13.64 31.44
N GLU A 79 1.47 -12.50 32.06
CA GLU A 79 2.46 -11.43 32.09
C GLU A 79 3.64 -11.84 32.96
N ILE A 80 4.85 -11.53 32.47
CA ILE A 80 6.10 -11.83 33.13
C ILE A 80 6.52 -10.62 33.99
N THR A 81 6.76 -10.86 35.27
CA THR A 81 7.15 -9.78 36.20
C THR A 81 8.42 -10.12 36.97
N PRO A 82 9.56 -10.08 36.29
CA PRO A 82 10.81 -10.38 36.99
C PRO A 82 11.23 -9.22 37.88
N ALA A 83 11.88 -9.52 39.00
CA ALA A 83 12.42 -8.48 39.87
C ALA A 83 13.63 -7.81 39.22
N ALA A 84 14.16 -6.79 39.89
CA ALA A 84 15.22 -5.95 39.34
C ALA A 84 16.51 -6.71 39.09
N ALA A 85 16.96 -7.46 40.09
CA ALA A 85 18.21 -8.21 39.96
C ALA A 85 18.11 -9.23 38.86
N PHE A 86 16.97 -9.90 38.71
CA PHE A 86 16.88 -10.88 37.64
C PHE A 86 16.88 -10.21 36.26
N GLN A 87 16.10 -9.14 36.08
CA GLN A 87 16.06 -8.48 34.77
C GLN A 87 17.45 -8.05 34.31
N ASP A 88 18.28 -7.60 35.23
CA ASP A 88 19.62 -7.12 34.90
CA ASP A 88 19.62 -7.12 34.89
C ASP A 88 20.56 -8.26 34.48
N LYS A 89 20.15 -9.50 34.73
CA LYS A 89 21.00 -10.64 34.35
C LYS A 89 20.97 -10.93 32.85
N LEU A 90 19.94 -10.41 32.16
CA LEU A 90 19.74 -10.70 30.73
C LEU A 90 19.96 -9.44 29.89
N TYR A 91 20.44 -9.61 28.66
CA TYR A 91 20.67 -8.45 27.80
C TYR A 91 19.39 -7.68 27.47
N PRO A 92 19.46 -6.34 27.52
CA PRO A 92 18.27 -5.51 27.26
C PRO A 92 17.59 -5.77 25.93
N PHE A 93 18.34 -5.99 24.85
CA PHE A 93 17.69 -6.19 23.57
C PHE A 93 16.94 -7.52 23.52
N THR A 94 17.30 -8.48 24.37
CA THR A 94 16.55 -9.74 24.41
C THR A 94 15.23 -9.54 25.16
N TRP A 95 15.24 -8.73 26.22
CA TRP A 95 13.97 -8.34 26.85
C TRP A 95 13.07 -7.59 25.86
N ASP A 96 13.67 -6.78 24.99
CA ASP A 96 12.89 -6.02 24.02
C ASP A 96 12.10 -6.95 23.11
N ALA A 97 12.73 -8.05 22.73
CA ALA A 97 12.13 -9.01 21.82
C ALA A 97 10.87 -9.65 22.39
N VAL A 98 10.77 -9.73 23.71
CA VAL A 98 9.61 -10.34 24.33
C VAL A 98 8.69 -9.30 24.99
N ARG A 99 8.83 -8.04 24.59
CA ARG A 99 7.93 -7.01 25.10
C ARG A 99 6.81 -6.80 24.10
N TYR A 100 5.58 -6.80 24.60
CA TYR A 100 4.43 -6.65 23.73
C TYR A 100 3.44 -5.69 24.36
N ASN A 101 3.17 -4.58 23.66
CA ASN A 101 2.29 -3.54 24.12
CA ASN A 101 2.22 -3.61 24.16
C ASN A 101 2.61 -3.17 25.57
N GLY A 102 3.90 -2.97 25.80
CA GLY A 102 4.42 -2.48 27.08
C GLY A 102 4.56 -3.50 28.20
N LYS A 103 4.24 -4.76 27.93
CA LYS A 103 4.35 -5.81 28.95
C LYS A 103 5.32 -6.91 28.50
N LEU A 104 6.04 -7.49 29.45
CA LEU A 104 6.90 -8.65 29.13
C LEU A 104 6.01 -9.89 29.08
N ILE A 105 6.07 -10.64 27.98
CA ILE A 105 5.15 -11.76 27.79
C ILE A 105 5.89 -13.10 27.71
N ALA A 106 7.20 -13.06 27.94
CA ALA A 106 8.01 -14.29 28.00
C ALA A 106 9.39 -14.01 28.57
N TYR A 107 10.11 -15.08 28.89
CA TYR A 107 11.54 -14.97 29.21
C TYR A 107 12.38 -15.23 27.97
N PRO A 108 13.31 -14.33 27.63
CA PRO A 108 14.25 -14.60 26.53
C PRO A 108 15.32 -15.60 26.94
N ILE A 109 15.68 -16.49 26.03
CA ILE A 109 16.65 -17.54 26.32
C ILE A 109 17.91 -17.36 25.47
N ALA A 110 17.76 -17.22 24.16
CA ALA A 110 18.94 -17.17 23.30
C ALA A 110 18.64 -16.54 21.94
N VAL A 111 19.67 -15.92 21.36
CA VAL A 111 19.56 -15.29 20.06
C VAL A 111 20.00 -16.27 18.98
N GLU A 112 19.13 -16.46 17.99
CA GLU A 112 19.34 -17.38 16.87
C GLU A 112 19.46 -16.61 15.57
N ALA A 113 20.49 -16.90 14.77
CA ALA A 113 20.52 -16.44 13.39
C ALA A 113 21.15 -17.54 12.54
N LEU A 114 20.73 -17.59 11.28
CA LEU A 114 21.28 -18.53 10.33
C LEU A 114 22.69 -18.14 9.92
N SER A 115 23.55 -19.13 9.73
CA SER A 115 24.85 -18.87 9.14
C SER A 115 25.10 -19.80 7.96
N LEU A 116 26.15 -19.51 7.20
CA LEU A 116 26.63 -20.43 6.18
C LEU A 116 27.55 -21.44 6.85
N ILE A 117 27.23 -22.72 6.68
CA ILE A 117 28.04 -23.79 7.27
C ILE A 117 28.70 -24.54 6.13
N TYR A 118 30.01 -24.73 6.21
CA TYR A 118 30.71 -25.34 5.08
C TYR A 118 31.68 -26.42 5.52
N ASN A 119 31.88 -27.39 4.64
CA ASN A 119 32.77 -28.52 4.85
C ASN A 119 34.19 -28.15 4.40
N LYS A 120 35.09 -27.96 5.36
CA LYS A 120 36.45 -27.46 5.04
C LYS A 120 37.24 -28.42 4.16
N ASP A 121 36.90 -29.70 4.21
CA ASP A 121 37.63 -30.69 3.42
C ASP A 121 37.16 -30.75 1.97
N LEU A 122 35.97 -30.23 1.70
CA LEU A 122 35.46 -30.12 0.33
C LEU A 122 35.68 -28.70 -0.18
N LEU A 123 35.72 -27.75 0.73
CA LEU A 123 35.69 -26.33 0.36
C LEU A 123 36.44 -25.46 1.36
N PRO A 124 37.77 -25.41 1.24
CA PRO A 124 38.59 -24.67 2.22
C PRO A 124 38.24 -23.18 2.26
N ASN A 125 37.93 -22.61 1.10
CA ASN A 125 37.57 -21.20 0.96
C ASN A 125 36.14 -21.01 0.43
N PRO A 126 35.17 -20.86 1.34
CA PRO A 126 33.77 -20.75 0.91
C PRO A 126 33.50 -19.46 0.12
N PRO A 127 32.46 -19.45 -0.72
CA PRO A 127 32.16 -18.28 -1.55
C PRO A 127 31.65 -17.10 -0.73
N LYS A 128 32.06 -15.90 -1.12
CA LYS A 128 31.57 -14.69 -0.49
C LYS A 128 30.27 -14.21 -1.12
N THR A 129 29.94 -14.72 -2.31
CA THR A 129 28.72 -14.30 -3.00
C THR A 129 27.84 -15.46 -3.42
N TRP A 130 26.53 -15.23 -3.43
CA TRP A 130 25.58 -16.18 -4.00
C TRP A 130 25.88 -16.46 -5.48
N GLU A 131 26.29 -15.42 -6.19
CA GLU A 131 26.52 -15.50 -7.62
C GLU A 131 27.59 -16.54 -8.04
N GLU A 132 28.51 -16.86 -7.14
CA GLU A 132 29.57 -17.85 -7.42
C GLU A 132 29.10 -19.29 -7.30
N ILE A 133 27.93 -19.49 -6.70
CA ILE A 133 27.53 -20.85 -6.35
C ILE A 133 27.23 -21.75 -7.56
N PRO A 134 26.62 -21.21 -8.63
CA PRO A 134 26.45 -22.10 -9.81
C PRO A 134 27.76 -22.73 -10.31
N ALA A 135 28.80 -21.92 -10.44
CA ALA A 135 30.11 -22.43 -10.90
C ALA A 135 30.70 -23.46 -9.93
N LEU A 136 30.55 -23.20 -8.64
CA LEU A 136 31.06 -24.13 -7.64
CA LEU A 136 31.05 -24.14 -7.63
C LEU A 136 30.32 -25.46 -7.73
N ASP A 137 29.01 -25.40 -7.95
CA ASP A 137 28.21 -26.61 -8.04
C ASP A 137 28.61 -27.42 -9.26
N LYS A 138 28.87 -26.73 -10.37
CA LYS A 138 29.24 -27.41 -11.61
C LYS A 138 30.45 -28.29 -11.40
N GLU A 139 31.48 -27.76 -10.74
CA GLU A 139 32.70 -28.52 -10.53
C GLU A 139 32.49 -29.64 -9.51
N LEU A 140 31.68 -29.40 -8.49
CA LEU A 140 31.45 -30.42 -7.48
C LEU A 140 30.60 -31.56 -8.05
N LYS A 141 29.65 -31.21 -8.92
CA LYS A 141 28.80 -32.24 -9.55
C LYS A 141 29.65 -33.24 -10.34
N ALA A 142 30.76 -32.78 -10.90
CA ALA A 142 31.66 -33.67 -11.64
C ALA A 142 32.26 -34.73 -10.73
N LYS A 143 32.28 -34.45 -9.43
CA LYS A 143 32.81 -35.40 -8.44
C LYS A 143 31.70 -36.14 -7.72
N GLY A 144 30.46 -35.95 -8.16
CA GLY A 144 29.33 -36.59 -7.51
C GLY A 144 28.96 -35.93 -6.19
N LYS A 145 29.28 -34.64 -6.07
CA LYS A 145 28.91 -33.86 -4.89
C LYS A 145 28.02 -32.71 -5.34
N SER A 146 27.65 -31.84 -4.42
CA SER A 146 26.94 -30.61 -4.77
C SER A 146 27.45 -29.48 -3.91
N ALA A 147 27.17 -28.24 -4.32
CA ALA A 147 27.68 -27.08 -3.61
C ALA A 147 26.88 -26.77 -2.35
N LEU A 148 25.56 -26.77 -2.47
CA LEU A 148 24.71 -26.21 -1.41
C LEU A 148 23.37 -26.92 -1.28
N MET A 149 23.06 -27.35 -0.07
CA MET A 149 21.73 -27.90 0.19
C MET A 149 21.20 -27.34 1.49
N PHE A 150 19.99 -26.81 1.48
CA PHE A 150 19.34 -26.32 2.70
C PHE A 150 17.83 -26.42 2.57
N ASN A 151 17.13 -26.26 3.69
CA ASN A 151 15.69 -26.49 3.73
C ASN A 151 14.89 -25.49 2.88
N LEU A 152 14.29 -25.96 1.78
CA LEU A 152 13.50 -25.07 0.92
C LEU A 152 12.02 -25.13 1.21
N GLN A 153 11.63 -25.85 2.26
CA GLN A 153 10.22 -26.00 2.60
C GLN A 153 9.77 -25.00 3.66
N GLU A 154 10.72 -24.35 4.32
CA GLU A 154 10.40 -23.36 5.35
C GLU A 154 11.01 -22.01 4.95
N PRO A 155 10.17 -20.96 4.88
CA PRO A 155 10.64 -19.67 4.35
C PRO A 155 11.70 -19.00 5.22
N TYR A 156 11.82 -19.39 6.49
CA TYR A 156 12.92 -18.93 7.32
C TYR A 156 14.27 -19.04 6.63
N PHE A 157 14.48 -20.13 5.88
CA PHE A 157 15.81 -20.41 5.34
C PHE A 157 16.08 -19.66 4.04
N THR A 158 15.03 -19.29 3.32
CA THR A 158 15.19 -18.58 2.05
CA THR A 158 15.18 -18.60 2.05
C THR A 158 15.09 -17.08 2.25
N TRP A 159 14.43 -16.66 3.33
CA TRP A 159 14.30 -15.24 3.63
C TRP A 159 15.62 -14.42 3.57
N PRO A 160 16.75 -14.96 4.05
CA PRO A 160 17.96 -14.10 3.98
C PRO A 160 18.28 -13.64 2.56
N LEU A 161 18.00 -14.49 1.58
CA LEU A 161 18.28 -14.17 0.17
C LEU A 161 17.21 -13.22 -0.37
N ILE A 162 15.96 -13.45 0.00
CA ILE A 162 14.87 -12.59 -0.45
C ILE A 162 15.05 -11.16 0.06
N ALA A 163 15.55 -11.03 1.29
CA ALA A 163 15.69 -9.73 1.92
C ALA A 163 16.93 -8.95 1.46
N ALA A 164 17.94 -9.68 0.97
CA ALA A 164 19.26 -9.08 0.66
C ALA A 164 19.16 -7.81 -0.18
N ASP A 165 18.44 -7.88 -1.30
CA ASP A 165 18.38 -6.77 -2.26
C ASP A 165 17.19 -5.86 -2.01
N GLY A 166 16.44 -6.10 -0.94
CA GLY A 166 15.43 -5.15 -0.53
C GLY A 166 14.07 -5.68 -0.11
N GLY A 167 13.86 -7.00 -0.13
CA GLY A 167 12.63 -7.56 0.37
C GLY A 167 12.48 -7.26 1.86
N TYR A 168 11.25 -7.09 2.33
CA TYR A 168 11.00 -6.98 3.77
C TYR A 168 9.60 -7.47 4.12
N ALA A 169 9.36 -7.69 5.42
CA ALA A 169 8.08 -8.19 5.88
C ALA A 169 7.12 -7.02 6.03
N PHE A 170 7.22 -6.32 7.15
CA PHE A 170 6.44 -5.10 7.39
C PHE A 170 7.38 -3.92 7.60
N LYS A 171 7.08 -2.80 6.95
CA LYS A 171 7.94 -1.63 7.06
C LYS A 171 7.91 -1.08 8.48
N TYR A 172 9.08 -0.78 9.03
CA TYR A 172 9.13 -0.14 10.34
C TYR A 172 9.23 1.38 10.16
N ALA A 173 8.37 2.10 10.86
CA ALA A 173 8.30 3.55 10.75
C ALA A 173 7.39 4.12 11.85
N ALA A 174 7.72 5.33 12.32
CA ALA A 174 6.95 6.00 13.37
C ALA A 174 6.82 5.17 14.63
N GLY A 175 7.89 4.44 14.97
CA GLY A 175 7.91 3.65 16.19
C GLY A 175 7.07 2.39 16.18
N LYS A 176 6.69 1.92 14.98
CA LYS A 176 5.87 0.73 14.87
C LYS A 176 5.96 0.07 13.50
N TYR A 177 5.48 -1.17 13.42
CA TYR A 177 5.37 -1.85 12.13
C TYR A 177 4.06 -1.47 11.45
N ASP A 178 4.16 -1.07 10.20
CA ASP A 178 3.03 -0.69 9.36
C ASP A 178 2.53 -1.92 8.62
N ILE A 179 1.43 -2.51 9.07
CA ILE A 179 1.03 -3.80 8.50
C ILE A 179 0.37 -3.66 7.13
N LYS A 180 0.17 -2.42 6.68
CA LYS A 180 -0.33 -2.20 5.33
C LYS A 180 0.82 -2.20 4.33
N ASP A 181 2.02 -1.87 4.82
CA ASP A 181 3.20 -1.73 3.98
C ASP A 181 4.05 -3.00 4.00
N VAL A 182 3.75 -3.92 3.08
CA VAL A 182 4.40 -5.22 3.04
C VAL A 182 5.40 -5.25 1.88
N GLY A 183 6.58 -5.80 2.10
CA GLY A 183 7.64 -5.73 1.10
C GLY A 183 8.02 -7.06 0.47
N VAL A 184 7.07 -7.96 0.30
CA VAL A 184 7.40 -9.26 -0.28
C VAL A 184 7.25 -9.34 -1.80
N ASP A 185 6.71 -8.32 -2.44
CA ASP A 185 6.71 -8.33 -3.91
C ASP A 185 7.34 -7.08 -4.52
N ASN A 186 8.34 -6.52 -3.85
CA ASN A 186 9.09 -5.42 -4.45
C ASN A 186 10.23 -5.99 -5.30
N ALA A 187 10.98 -5.10 -5.95
CA ALA A 187 12.04 -5.52 -6.87
C ALA A 187 13.10 -6.39 -6.21
N GLY A 188 13.45 -6.04 -4.97
CA GLY A 188 14.46 -6.79 -4.23
C GLY A 188 14.02 -8.20 -3.88
N ALA A 189 12.78 -8.36 -3.43
CA ALA A 189 12.25 -9.67 -3.13
C ALA A 189 12.19 -10.52 -4.39
N LYS A 190 11.72 -9.92 -5.48
CA LYS A 190 11.65 -10.63 -6.74
C LYS A 190 13.03 -11.08 -7.22
N ALA A 191 14.04 -10.22 -7.05
CA ALA A 191 15.40 -10.53 -7.50
C ALA A 191 15.96 -11.73 -6.72
N GLY A 192 15.75 -11.72 -5.42
CA GLY A 192 16.27 -12.78 -4.56
C GLY A 192 15.62 -14.12 -4.85
N LEU A 193 14.28 -14.14 -4.92
CA LEU A 193 13.59 -15.40 -5.18
C LEU A 193 13.86 -15.89 -6.62
N THR A 194 14.04 -14.97 -7.56
CA THR A 194 14.35 -15.38 -8.93
C THR A 194 15.72 -16.06 -8.96
N PHE A 195 16.66 -15.58 -8.15
CA PHE A 195 17.97 -16.25 -8.11
C PHE A 195 17.82 -17.67 -7.58
N LEU A 196 16.98 -17.83 -6.56
CA LEU A 196 16.74 -19.15 -5.99
C LEU A 196 16.12 -20.09 -7.02
N VAL A 197 15.10 -19.59 -7.71
CA VAL A 197 14.40 -20.37 -8.72
C VAL A 197 15.34 -20.73 -9.88
N ASP A 198 16.21 -19.79 -10.25
CA ASP A 198 17.19 -20.06 -11.30
C ASP A 198 18.19 -21.15 -10.88
N LEU A 199 18.62 -21.16 -9.62
CA LEU A 199 19.45 -22.25 -9.12
C LEU A 199 18.78 -23.61 -9.31
N ILE A 200 17.48 -23.66 -9.08
CA ILE A 200 16.73 -24.91 -9.22
C ILE A 200 16.54 -25.27 -10.70
N LYS A 201 16.19 -24.28 -11.52
CA LYS A 201 16.00 -24.54 -12.96
C LYS A 201 17.28 -25.06 -13.59
N ASN A 202 18.42 -24.56 -13.10
CA ASN A 202 19.72 -24.98 -13.63
C ASN A 202 20.29 -26.21 -12.92
N LYS A 203 19.46 -26.85 -12.09
CA LYS A 203 19.80 -28.14 -11.46
C LYS A 203 20.91 -28.04 -10.41
N HIS A 204 21.06 -26.87 -9.80
CA HIS A 204 22.03 -26.71 -8.72
C HIS A 204 21.39 -26.98 -7.36
N MET A 205 20.06 -26.97 -7.32
CA MET A 205 19.28 -27.34 -6.14
C MET A 205 18.00 -28.04 -6.57
N ASN A 206 17.38 -28.75 -5.64
CA ASN A 206 16.16 -29.49 -5.89
C ASN A 206 15.04 -28.88 -5.07
N ALA A 207 13.89 -28.61 -5.70
CA ALA A 207 12.78 -27.95 -5.01
C ALA A 207 12.25 -28.78 -3.84
N ASP A 208 12.51 -30.08 -3.86
CA ASP A 208 11.98 -30.96 -2.82
C ASP A 208 12.85 -31.02 -1.56
N THR A 209 14.03 -30.41 -1.60
CA THR A 209 14.95 -30.51 -0.48
C THR A 209 14.35 -29.93 0.80
N ASP A 210 14.38 -30.72 1.87
CA ASP A 210 13.84 -30.25 3.15
C ASP A 210 14.90 -30.29 4.24
N TYR A 211 14.48 -30.09 5.49
CA TYR A 211 15.46 -30.06 6.58
C TYR A 211 16.25 -31.37 6.68
N SER A 212 15.56 -32.50 6.69
CA SER A 212 16.24 -33.78 6.88
CA SER A 212 16.22 -33.79 6.88
C SER A 212 17.13 -34.15 5.69
N ILE A 213 16.68 -33.86 4.48
CA ILE A 213 17.47 -34.20 3.29
C ILE A 213 18.76 -33.38 3.28
N ALA A 214 18.66 -32.10 3.62
CA ALA A 214 19.85 -31.24 3.66
C ALA A 214 20.81 -31.62 4.79
N GLU A 215 20.25 -31.91 5.97
CA GLU A 215 21.10 -32.32 7.09
C GLU A 215 21.86 -33.61 6.79
N ALA A 216 21.16 -34.58 6.21
CA ALA A 216 21.78 -35.86 5.90
C ALA A 216 22.89 -35.69 4.87
N ALA A 217 22.64 -34.89 3.84
CA ALA A 217 23.63 -34.67 2.79
C ALA A 217 24.87 -33.97 3.33
N PHE A 218 24.67 -32.94 4.15
CA PHE A 218 25.83 -32.24 4.68
C PHE A 218 26.61 -33.13 5.64
N ASN A 219 25.91 -33.81 6.54
CA ASN A 219 26.61 -34.54 7.58
C ASN A 219 27.24 -35.83 7.05
N LYS A 220 26.82 -36.25 5.85
CA LYS A 220 27.42 -37.42 5.21
C LYS A 220 28.57 -37.03 4.28
N GLY A 221 28.81 -35.73 4.16
CA GLY A 221 29.89 -35.23 3.31
C GLY A 221 29.55 -35.19 1.83
N GLU A 222 28.26 -35.10 1.51
CA GLU A 222 27.80 -35.11 0.11
C GLU A 222 27.63 -33.71 -0.49
N THR A 223 27.46 -32.69 0.35
CA THR A 223 27.31 -31.33 -0.14
C THR A 223 28.29 -30.42 0.61
N ALA A 224 28.84 -29.43 -0.09
CA ALA A 224 29.91 -28.60 0.47
C ALA A 224 29.41 -27.58 1.48
N MET A 225 28.14 -27.19 1.37
CA MET A 225 27.59 -26.11 2.19
C MET A 225 26.14 -26.39 2.59
N THR A 226 25.76 -25.86 3.74
CA THR A 226 24.35 -25.83 4.11
C THR A 226 24.06 -24.49 4.80
N ILE A 227 22.78 -24.21 5.05
CA ILE A 227 22.42 -23.01 5.80
C ILE A 227 21.58 -23.46 6.99
N ASN A 228 22.02 -23.14 8.20
CA ASN A 228 21.32 -23.61 9.38
C ASN A 228 21.71 -22.79 10.61
N GLY A 229 21.06 -23.08 11.74
CA GLY A 229 21.31 -22.35 12.97
C GLY A 229 22.11 -23.17 13.97
N PRO A 230 22.35 -22.60 15.15
CA PRO A 230 23.27 -23.20 16.12
C PRO A 230 22.82 -24.57 16.60
N TRP A 231 21.51 -24.82 16.64
CA TRP A 231 21.01 -26.11 17.10
C TRP A 231 21.57 -27.25 16.24
N ALA A 232 21.89 -26.95 14.98
CA ALA A 232 22.37 -27.97 14.06
C ALA A 232 23.83 -28.39 14.29
N TRP A 233 24.59 -27.62 15.06
CA TRP A 233 26.02 -27.89 15.19
C TRP A 233 26.29 -29.20 15.90
N SER A 234 25.38 -29.62 16.78
CA SER A 234 25.60 -30.84 17.57
C SER A 234 25.71 -32.06 16.65
N ASN A 235 24.81 -32.19 15.70
CA ASN A 235 24.86 -33.35 14.81
C ASN A 235 26.07 -33.28 13.88
N ILE A 236 26.50 -32.07 13.51
CA ILE A 236 27.70 -31.97 12.68
C ILE A 236 28.94 -32.32 13.51
N ASP A 237 28.93 -31.95 14.79
CA ASP A 237 30.02 -32.33 15.70
C ASP A 237 30.17 -33.86 15.72
N THR A 238 29.03 -34.54 15.80
CA THR A 238 29.01 -35.99 15.84
C THR A 238 29.53 -36.57 14.53
N SER A 239 29.20 -35.91 13.42
CA SER A 239 29.63 -36.36 12.09
C SER A 239 31.14 -36.31 11.93
N ALA A 240 31.64 -36.91 10.86
CA ALA A 240 33.08 -36.83 10.56
C ALA A 240 33.47 -35.49 9.93
N VAL A 241 32.50 -34.63 9.68
CA VAL A 241 32.77 -33.42 8.92
C VAL A 241 33.58 -32.37 9.71
N ASN A 242 34.70 -31.94 9.11
CA ASN A 242 35.43 -30.77 9.58
C ASN A 242 34.77 -29.50 9.03
N TYR A 243 34.01 -28.80 9.86
CA TYR A 243 33.20 -27.70 9.36
C TYR A 243 33.58 -26.34 9.91
N GLY A 244 33.17 -25.31 9.17
CA GLY A 244 33.31 -23.94 9.62
C GLY A 244 31.94 -23.28 9.59
N VAL A 245 31.79 -22.17 10.32
CA VAL A 245 30.55 -21.41 10.36
C VAL A 245 30.94 -19.97 10.03
N THR A 246 30.29 -19.39 9.02
CA THR A 246 30.75 -18.10 8.51
C THR A 246 29.61 -17.22 8.02
N VAL A 247 29.94 -16.00 7.62
CA VAL A 247 28.97 -15.04 7.12
C VAL A 247 28.26 -15.59 5.88
N LEU A 248 26.96 -15.33 5.78
CA LEU A 248 26.20 -15.75 4.61
C LEU A 248 26.74 -15.03 3.37
N PRO A 249 26.55 -15.63 2.20
CA PRO A 249 27.04 -14.95 0.99
C PRO A 249 26.26 -13.67 0.70
N THR A 250 26.90 -12.73 0.01
CA THR A 250 26.20 -11.53 -0.44
C THR A 250 25.39 -11.83 -1.70
N PHE A 251 24.40 -10.99 -1.95
CA PHE A 251 23.64 -11.04 -3.19
C PHE A 251 23.56 -9.66 -3.78
N LYS A 252 23.96 -9.52 -5.05
CA LYS A 252 24.03 -8.22 -5.70
C LYS A 252 24.81 -7.23 -4.83
N GLY A 253 25.88 -7.73 -4.23
CA GLY A 253 26.80 -6.92 -3.44
C GLY A 253 26.31 -6.52 -2.07
N GLN A 254 25.19 -7.11 -1.65
CA GLN A 254 24.57 -6.76 -0.39
C GLN A 254 24.48 -7.98 0.52
N PRO A 255 24.61 -7.79 1.84
CA PRO A 255 24.59 -8.91 2.78
C PRO A 255 23.26 -9.65 2.75
N SER A 256 23.31 -10.97 2.95
CA SER A 256 22.07 -11.70 3.19
C SER A 256 21.56 -11.23 4.55
N LYS A 257 20.23 -11.16 4.69
CA LYS A 257 19.63 -10.56 5.89
C LYS A 257 18.69 -11.54 6.58
N PRO A 258 19.25 -12.44 7.37
CA PRO A 258 18.36 -13.41 8.03
C PRO A 258 17.43 -12.73 9.03
N PHE A 259 16.23 -13.26 9.18
CA PHE A 259 15.36 -12.82 10.26
C PHE A 259 15.85 -13.48 11.54
N VAL A 260 16.12 -12.65 12.55
CA VAL A 260 16.73 -13.08 13.80
C VAL A 260 15.66 -13.46 14.84
N GLY A 261 15.78 -14.64 15.43
CA GLY A 261 14.82 -15.08 16.43
C GLY A 261 15.43 -15.11 17.81
N VAL A 262 14.63 -14.80 18.82
CA VAL A 262 15.05 -15.00 20.19
C VAL A 262 14.20 -16.16 20.73
N LEU A 263 14.85 -17.30 21.00
CA LEU A 263 14.16 -18.41 21.65
C LEU A 263 13.65 -17.90 22.98
N SER A 264 12.36 -18.08 23.23
CA SER A 264 11.69 -17.51 24.40
C SER A 264 10.80 -18.52 25.09
N ALA A 265 10.59 -18.33 26.39
CA ALA A 265 9.73 -19.23 27.16
C ALA A 265 8.57 -18.46 27.74
N GLY A 266 7.36 -18.85 27.34
CA GLY A 266 6.16 -18.19 27.81
C GLY A 266 5.43 -19.08 28.79
N ILE A 267 4.68 -18.44 29.69
CA ILE A 267 3.90 -19.15 30.69
C ILE A 267 2.44 -19.12 30.31
N ASN A 268 1.83 -20.29 30.25
CA ASN A 268 0.41 -20.44 29.89
C ASN A 268 -0.50 -19.69 30.86
N ALA A 269 -1.31 -18.76 30.35
CA ALA A 269 -2.18 -17.95 31.21
C ALA A 269 -3.19 -18.82 31.98
N ALA A 270 -3.49 -19.99 31.43
CA ALA A 270 -4.49 -20.88 32.03
C ALA A 270 -3.87 -21.86 33.02
N SER A 271 -2.54 -21.83 33.14
CA SER A 271 -1.84 -22.76 34.03
C SER A 271 -2.11 -22.51 35.50
N PRO A 272 -2.33 -23.59 36.28
CA PRO A 272 -2.42 -23.45 37.74
C PRO A 272 -1.04 -23.42 38.37
N ASN A 273 0.00 -23.40 37.53
CA ASN A 273 1.37 -23.49 38.00
C ASN A 273 2.22 -22.28 37.61
N LYS A 274 1.61 -21.09 37.60
CA LYS A 274 2.33 -19.92 37.11
C LYS A 274 3.53 -19.54 37.99
N GLU A 275 3.34 -19.58 39.31
CA GLU A 275 4.44 -19.28 40.22
C GLU A 275 5.52 -20.36 40.16
N LEU A 276 5.09 -21.62 40.06
CA LEU A 276 6.00 -22.75 39.91
C LEU A 276 6.85 -22.61 38.63
N ALA A 277 6.21 -22.20 37.54
CA ALA A 277 6.89 -22.03 36.27
C ALA A 277 7.92 -20.90 36.35
N LYS A 278 7.56 -19.81 37.01
CA LYS A 278 8.50 -18.69 37.21
C LYS A 278 9.74 -19.13 37.98
N GLU A 279 9.55 -19.91 39.04
CA GLU A 279 10.68 -20.42 39.83
C GLU A 279 11.63 -21.28 38.98
N PHE A 280 11.06 -22.19 38.21
CA PHE A 280 11.87 -23.04 37.33
C PHE A 280 12.65 -22.19 36.34
N LEU A 281 11.96 -21.30 35.63
CA LEU A 281 12.60 -20.53 34.56
C LEU A 281 13.69 -19.58 35.08
N GLU A 282 13.39 -18.82 36.13
CA GLU A 282 14.31 -17.82 36.65
C GLU A 282 15.47 -18.45 37.41
N ASN A 283 15.17 -19.44 38.25
CA ASN A 283 16.17 -19.90 39.21
C ASN A 283 16.80 -21.25 38.91
N TYR A 284 16.38 -21.90 37.83
CA TYR A 284 17.01 -23.13 37.42
C TYR A 284 17.44 -23.07 35.96
N LEU A 285 16.54 -22.67 35.06
CA LEU A 285 16.94 -22.64 33.64
C LEU A 285 17.87 -21.47 33.35
N LEU A 286 17.49 -20.26 33.72
CA LEU A 286 18.27 -19.08 33.34
C LEU A 286 19.38 -18.84 34.38
N THR A 287 20.22 -19.86 34.51
CA THR A 287 21.42 -19.85 35.32
C THR A 287 22.57 -20.40 34.47
N ASP A 288 23.81 -20.20 34.89
CA ASP A 288 24.93 -20.75 34.14
C ASP A 288 24.80 -22.26 33.97
N GLU A 289 24.45 -22.95 35.06
CA GLU A 289 24.35 -24.40 35.04
C GLU A 289 23.18 -24.88 34.20
N GLY A 290 22.06 -24.15 34.24
CA GLY A 290 20.88 -24.53 33.49
C GLY A 290 21.09 -24.41 31.99
N LEU A 291 21.60 -23.27 31.56
CA LEU A 291 21.81 -23.06 30.12
C LEU A 291 22.93 -23.95 29.58
N GLU A 292 23.95 -24.22 30.41
CA GLU A 292 25.01 -25.12 29.97
C GLU A 292 24.45 -26.51 29.69
N ALA A 293 23.52 -26.98 30.53
CA ALA A 293 22.94 -28.30 30.33
C ALA A 293 22.19 -28.37 29.00
N VAL A 294 21.48 -27.30 28.64
CA VAL A 294 20.72 -27.32 27.39
C VAL A 294 21.69 -27.17 26.22
N ASN A 295 22.62 -26.24 26.36
CA ASN A 295 23.59 -25.92 25.32
C ASN A 295 24.48 -27.11 24.98
N LYS A 296 24.82 -27.92 25.99
CA LYS A 296 25.63 -29.13 25.78
C LYS A 296 24.90 -30.15 24.91
N ASP A 297 23.58 -30.15 24.98
CA ASP A 297 22.76 -31.03 24.17
C ASP A 297 22.74 -30.53 22.72
N LYS A 298 22.11 -29.37 22.52
CA LYS A 298 22.11 -28.66 21.23
C LYS A 298 22.38 -27.18 21.47
N PRO A 299 23.38 -26.62 20.78
CA PRO A 299 23.74 -25.22 21.06
C PRO A 299 22.57 -24.24 20.90
N LEU A 300 22.45 -23.32 21.85
CA LEU A 300 21.35 -22.37 21.90
C LEU A 300 21.57 -21.18 20.98
N GLY A 301 22.84 -20.86 20.69
CA GLY A 301 23.16 -19.61 20.02
C GLY A 301 23.76 -18.65 21.05
N ALA A 302 23.56 -17.35 20.85
CA ALA A 302 24.06 -16.36 21.81
C ALA A 302 23.06 -16.17 22.95
N VAL A 303 23.36 -16.74 24.11
CA VAL A 303 22.34 -16.76 25.16
C VAL A 303 22.08 -15.37 25.75
N ALA A 304 20.87 -15.20 26.29
CA ALA A 304 20.43 -13.92 26.82
C ALA A 304 21.07 -13.63 28.19
N LEU A 305 21.56 -14.68 28.84
CA LEU A 305 22.17 -14.56 30.17
C LEU A 305 23.61 -14.07 30.06
N LYS A 306 23.85 -12.83 30.48
CA LYS A 306 25.16 -12.19 30.32
C LYS A 306 26.32 -13.04 30.83
N SER A 307 26.18 -13.61 32.02
CA SER A 307 27.29 -14.32 32.66
C SER A 307 27.76 -15.52 31.84
N TYR A 308 26.83 -16.22 31.19
CA TYR A 308 27.21 -17.38 30.41
C TYR A 308 27.59 -17.00 28.97
N GLU A 309 26.97 -15.95 28.44
CA GLU A 309 27.28 -15.52 27.08
C GLU A 309 28.71 -14.98 26.99
N GLU A 310 29.23 -14.44 28.09
CA GLU A 310 30.60 -13.95 28.06
C GLU A 310 31.57 -15.08 27.76
N GLU A 311 31.23 -16.30 28.18
CA GLU A 311 32.00 -17.47 27.80
C GLU A 311 31.79 -17.84 26.33
N LEU A 312 30.52 -18.06 25.96
CA LEU A 312 30.19 -18.51 24.61
C LEU A 312 30.66 -17.57 23.49
N ALA A 313 30.73 -16.27 23.80
CA ALA A 313 31.06 -15.26 22.79
C ALA A 313 32.45 -15.42 22.19
N LYS A 314 33.31 -16.16 22.88
CA LYS A 314 34.68 -16.41 22.42
C LYS A 314 34.75 -17.48 21.32
N ASP A 315 33.67 -18.25 21.19
CA ASP A 315 33.51 -19.28 20.16
C ASP A 315 33.30 -18.63 18.79
N PRO A 316 34.17 -18.95 17.80
CA PRO A 316 34.07 -18.35 16.46
C PRO A 316 32.74 -18.62 15.79
N ARG A 317 32.10 -19.74 16.15
CA ARG A 317 30.80 -20.06 15.56
C ARG A 317 29.75 -19.10 16.10
N ILE A 318 29.92 -18.69 17.35
CA ILE A 318 29.01 -17.70 17.95
C ILE A 318 29.31 -16.32 17.36
N ALA A 319 30.60 -16.01 17.14
CA ALA A 319 30.94 -14.74 16.53
C ALA A 319 30.30 -14.63 15.14
N ALA A 320 30.34 -15.73 14.39
CA ALA A 320 29.71 -15.73 13.06
C ALA A 320 28.20 -15.58 13.15
N THR A 321 27.60 -16.26 14.11
CA THR A 321 26.17 -16.13 14.35
C THR A 321 25.78 -14.68 14.59
N MET A 322 26.57 -13.98 15.41
CA MET A 322 26.27 -12.59 15.72
CA MET A 322 26.25 -12.60 15.71
C MET A 322 26.54 -11.68 14.53
N GLU A 323 27.52 -12.03 13.70
CA GLU A 323 27.79 -11.24 12.51
C GLU A 323 26.59 -11.29 11.55
N ASN A 324 26.07 -12.49 11.35
CA ASN A 324 24.89 -12.66 10.52
C ASN A 324 23.67 -12.01 11.14
N ALA A 325 23.57 -12.06 12.47
CA ALA A 325 22.44 -11.44 13.16
C ALA A 325 22.45 -9.92 12.97
N GLN A 326 23.64 -9.32 13.05
CA GLN A 326 23.74 -7.88 12.91
C GLN A 326 23.43 -7.42 11.49
N LYS A 327 23.73 -8.26 10.50
CA LYS A 327 23.38 -7.93 9.12
C LYS A 327 21.90 -8.12 8.83
N GLY A 328 21.24 -8.98 9.60
CA GLY A 328 19.82 -9.21 9.45
C GLY A 328 18.96 -8.30 10.30
N GLU A 329 17.70 -8.71 10.50
CA GLU A 329 16.72 -7.93 11.24
C GLU A 329 16.09 -8.77 12.35
N ILE A 330 15.83 -8.17 13.50
CA ILE A 330 15.05 -8.86 14.53
C ILE A 330 13.64 -9.06 14.00
N MET A 331 13.06 -10.24 14.19
CA MET A 331 11.68 -10.46 13.79
C MET A 331 10.75 -9.56 14.59
N PRO A 332 9.73 -9.02 13.91
CA PRO A 332 8.62 -8.45 14.69
C PRO A 332 7.96 -9.53 15.52
N ASN A 333 7.27 -9.16 16.60
CA ASN A 333 6.47 -10.15 17.30
C ASN A 333 4.98 -9.88 17.13
N ILE A 334 4.62 -9.00 16.20
CA ILE A 334 3.22 -8.62 16.03
C ILE A 334 2.34 -9.80 15.60
N PRO A 335 1.03 -9.72 15.86
CA PRO A 335 0.15 -10.87 15.59
C PRO A 335 0.11 -11.28 14.11
N GLN A 336 0.42 -10.34 13.24
CA GLN A 336 0.33 -10.61 11.82
C GLN A 336 1.50 -11.47 11.28
N MET A 337 2.46 -11.82 12.15
CA MET A 337 3.63 -12.58 11.66
C MET A 337 3.25 -13.97 11.15
N SER A 338 2.30 -14.61 11.81
CA SER A 338 1.86 -15.94 11.41
C SER A 338 1.40 -15.94 9.95
N ALA A 339 0.57 -14.98 9.61
CA ALA A 339 0.00 -14.92 8.27
C ALA A 339 1.06 -14.54 7.26
N PHE A 340 2.02 -13.71 7.66
CA PHE A 340 3.16 -13.36 6.81
C PHE A 340 3.94 -14.63 6.46
N TRP A 341 4.26 -15.43 7.46
CA TRP A 341 5.06 -16.63 7.22
C TRP A 341 4.32 -17.64 6.33
N TYR A 342 3.03 -17.85 6.57
CA TYR A 342 2.25 -18.77 5.75
CA TYR A 342 2.27 -18.78 5.75
C TYR A 342 2.24 -18.31 4.30
N ALA A 343 2.06 -17.01 4.10
CA ALA A 343 2.01 -16.42 2.76
C ALA A 343 3.34 -16.62 2.03
N VAL A 344 4.45 -16.38 2.73
CA VAL A 344 5.74 -16.51 2.07
C VAL A 344 6.11 -18.00 1.89
N ARG A 345 5.69 -18.87 2.81
CA ARG A 345 5.94 -20.30 2.64
CA ARG A 345 5.95 -20.30 2.62
C ARG A 345 5.32 -20.79 1.33
N THR A 346 4.08 -20.36 1.07
CA THR A 346 3.37 -20.78 -0.13
C THR A 346 4.07 -20.24 -1.39
N ALA A 347 4.50 -18.98 -1.34
CA ALA A 347 5.14 -18.34 -2.49
C ALA A 347 6.44 -19.06 -2.87
N VAL A 348 7.28 -19.38 -1.88
CA VAL A 348 8.56 -20.00 -2.19
C VAL A 348 8.36 -21.39 -2.77
N ILE A 349 7.48 -22.17 -2.14
CA ILE A 349 7.22 -23.53 -2.59
C ILE A 349 6.62 -23.53 -4.00
N ASN A 350 5.67 -22.65 -4.25
CA ASN A 350 5.04 -22.60 -5.58
C ASN A 350 5.99 -22.12 -6.67
N ALA A 351 6.82 -21.12 -6.36
CA ALA A 351 7.80 -20.63 -7.32
C ALA A 351 8.91 -21.66 -7.57
N ALA A 352 9.41 -22.27 -6.50
CA ALA A 352 10.49 -23.24 -6.60
C ALA A 352 10.08 -24.48 -7.40
N SER A 353 8.83 -24.89 -7.27
CA SER A 353 8.34 -26.11 -7.92
C SER A 353 7.96 -25.84 -9.37
N GLY A 354 7.82 -24.57 -9.71
CA GLY A 354 7.42 -24.17 -11.04
C GLY A 354 5.91 -24.02 -11.25
N ARG A 355 5.13 -24.26 -10.20
CA ARG A 355 3.68 -24.14 -10.31
C ARG A 355 3.22 -22.71 -10.56
N GLN A 356 4.02 -21.75 -10.11
CA GLN A 356 3.76 -20.34 -10.38
C GLN A 356 5.05 -19.64 -10.75
N THR A 357 4.96 -18.56 -11.51
CA THR A 357 6.10 -17.69 -11.70
C THR A 357 6.45 -17.00 -10.39
N VAL A 358 7.69 -16.53 -10.28
CA VAL A 358 8.09 -15.70 -9.14
C VAL A 358 7.20 -14.46 -9.00
N ASP A 359 6.95 -13.78 -10.11
CA ASP A 359 6.09 -12.60 -10.08
C ASP A 359 4.68 -12.88 -9.54
N ALA A 360 4.08 -13.98 -9.99
CA ALA A 360 2.71 -14.31 -9.58
C ALA A 360 2.67 -14.78 -8.13
N ALA A 361 3.67 -15.57 -7.76
CA ALA A 361 3.75 -16.11 -6.41
C ALA A 361 3.91 -15.01 -5.38
N LEU A 362 4.79 -14.05 -5.66
CA LEU A 362 5.03 -13.00 -4.68
C LEU A 362 3.87 -11.99 -4.67
N ALA A 363 3.24 -11.76 -5.82
CA ALA A 363 2.07 -10.88 -5.83
C ALA A 363 0.96 -11.47 -4.95
N ALA A 364 0.76 -12.78 -5.03
CA ALA A 364 -0.26 -13.43 -4.22
C ALA A 364 0.11 -13.38 -2.75
N ALA A 365 1.39 -13.55 -2.45
CA ALA A 365 1.85 -13.50 -1.06
C ALA A 365 1.68 -12.11 -0.46
N GLN A 366 1.97 -11.10 -1.26
CA GLN A 366 1.78 -9.72 -0.86
C GLN A 366 0.34 -9.49 -0.43
N THR A 367 -0.60 -9.93 -1.26
CA THR A 367 -2.01 -9.75 -0.98
C THR A 367 -2.44 -10.51 0.28
N ASN A 368 -1.96 -11.73 0.42
CA ASN A 368 -2.28 -12.54 1.58
C ASN A 368 -1.75 -11.92 2.88
N ALA A 369 -0.54 -11.38 2.84
CA ALA A 369 0.11 -10.85 4.04
C ALA A 369 -0.48 -9.51 4.47
N ALA A 370 -1.16 -8.86 3.55
CA ALA A 370 -1.68 -7.52 3.78
C ALA A 370 -3.17 -7.54 4.13
N ARG A 371 -3.79 -8.71 4.02
CA ARG A 371 -5.22 -8.83 4.27
C ARG A 371 -5.57 -8.54 5.73
N ALA A 372 -4.60 -8.74 6.62
CA ALA A 372 -4.82 -8.46 8.03
C ALA A 372 -5.18 -7.00 8.24
N PHE A 373 -4.57 -6.12 7.47
CA PHE A 373 -4.90 -4.70 7.57
C PHE A 373 -6.35 -4.44 7.15
N ALA A 374 -6.74 -4.99 6.00
CA ALA A 374 -8.12 -4.85 5.52
C ALA A 374 -9.13 -5.38 6.53
N ALA A 375 -8.83 -6.53 7.14
CA ALA A 375 -9.74 -7.12 8.11
C ALA A 375 -9.90 -6.22 9.34
N ALA A 376 -8.79 -5.65 9.82
CA ALA A 376 -8.82 -4.77 10.98
C ALA A 376 -9.60 -3.50 10.67
N LEU A 377 -9.37 -2.97 9.48
CA LEU A 377 -10.04 -1.75 9.04
C LEU A 377 -11.56 -1.94 8.98
N CYS A 378 -12.00 -3.04 8.38
CA CYS A 378 -13.42 -3.24 8.19
C CYS A 378 -14.13 -3.47 9.52
N ARG A 379 -13.47 -4.19 10.43
CA ARG A 379 -14.04 -4.43 11.76
C ARG A 379 -14.16 -3.13 12.56
N LEU A 380 -13.09 -2.36 12.63
CA LEU A 380 -13.13 -1.10 13.37
C LEU A 380 -14.16 -0.14 12.80
N SER A 381 -14.23 -0.02 11.48
CA SER A 381 -15.20 0.89 10.85
CA SER A 381 -15.19 0.89 10.85
C SER A 381 -16.63 0.46 11.15
N THR A 382 -16.86 -0.85 11.17
CA THR A 382 -18.20 -1.38 11.43
C THR A 382 -18.66 -1.05 12.84
N TYR A 383 -17.76 -1.10 13.81
CA TYR A 383 -18.11 -0.67 15.16
C TYR A 383 -18.36 0.84 15.22
N LEU A 384 -17.50 1.63 14.56
CA LEU A 384 -17.64 3.08 14.60
C LEU A 384 -18.92 3.55 13.91
N GLU A 385 -19.43 2.76 12.97
CA GLU A 385 -20.67 3.10 12.27
C GLU A 385 -21.89 3.02 13.19
N GLU A 386 -21.74 2.34 14.32
CA GLU A 386 -22.83 2.18 15.27
C GLU A 386 -23.07 3.44 16.10
N LEU A 387 -22.05 4.28 16.19
CA LEU A 387 -22.13 5.50 16.99
C LEU A 387 -23.14 6.49 16.39
N GLU A 388 -23.93 7.10 17.26
CA GLU A 388 -24.77 8.22 16.85
C GLU A 388 -23.87 9.40 16.54
N ALA A 389 -24.40 10.38 15.82
CA ALA A 389 -23.61 11.52 15.36
C ALA A 389 -22.95 12.27 16.52
N VAL A 390 -23.67 12.36 17.65
CA VAL A 390 -23.14 13.05 18.82
C VAL A 390 -22.10 12.18 19.51
N GLU A 391 -22.29 10.87 19.45
CA GLU A 391 -21.35 9.92 20.06
C GLU A 391 -20.03 9.86 19.29
N LEU A 392 -20.09 10.03 17.98
CA LEU A 392 -18.86 10.08 17.17
C LEU A 392 -18.07 11.35 17.48
N LYS A 393 -18.78 12.44 17.72
CA LYS A 393 -18.14 13.70 18.07
C LYS A 393 -17.36 13.55 19.38
N LYS A 394 -18.00 12.95 20.37
CA LYS A 394 -17.37 12.74 21.66
C LYS A 394 -16.18 11.78 21.52
N PHE A 395 -16.34 10.78 20.67
CA PHE A 395 -15.28 9.80 20.40
C PHE A 395 -14.00 10.50 19.94
N LYS A 396 -14.14 11.40 18.98
CA LYS A 396 -13.01 12.13 18.43
C LYS A 396 -12.34 13.01 19.49
N LEU A 397 -13.14 13.66 20.31
CA LEU A 397 -12.61 14.51 21.38
C LEU A 397 -11.72 13.73 22.34
N TYR A 398 -12.24 12.62 22.85
CA TYR A 398 -11.53 11.82 23.87
C TYR A 398 -10.27 11.13 23.34
N LEU A 399 -10.13 11.03 22.03
CA LEU A 399 -8.93 10.45 21.44
C LEU A 399 -7.68 11.32 21.67
N GLY A 400 -7.91 12.59 22.00
CA GLY A 400 -6.81 13.47 22.33
C GLY A 400 -6.22 13.10 23.68
N THR A 401 -7.07 13.02 24.70
CA THR A 401 -6.62 12.74 26.07
C THR A 401 -6.29 11.28 26.32
N ALA A 402 -6.75 10.39 25.45
CA ALA A 402 -6.37 8.98 25.53
C ALA A 402 -4.88 8.85 25.18
N THR A 403 -4.46 9.69 24.24
CA THR A 403 -3.09 9.94 23.75
C THR A 403 -3.02 9.65 22.25
N ILE A 410 -3.30 12.49 16.75
CA ILE A 410 -4.10 12.86 15.60
C ILE A 410 -4.73 14.23 15.81
N PRO A 411 -4.50 15.16 14.88
CA PRO A 411 -5.02 16.52 14.98
C PRO A 411 -6.54 16.54 14.88
N TRP A 412 -7.21 17.40 15.64
CA TRP A 412 -8.66 17.48 15.59
C TRP A 412 -9.17 17.81 14.19
N GLY A 413 -8.43 18.66 13.48
CA GLY A 413 -8.79 19.06 12.14
C GLY A 413 -8.81 17.88 11.18
N SER A 414 -8.02 16.87 11.50
CA SER A 414 -7.96 15.66 10.68
C SER A 414 -9.16 14.76 10.93
N MET A 415 -9.79 14.93 12.09
CA MET A 415 -10.90 14.07 12.51
C MET A 415 -12.27 14.70 12.34
N GLU A 416 -12.34 16.03 12.40
CA GLU A 416 -13.61 16.74 12.49
C GLU A 416 -14.62 16.31 11.42
N LYS A 417 -14.16 16.23 10.18
CA LYS A 417 -15.04 15.88 9.06
C LYS A 417 -15.18 14.37 8.88
N ALA A 418 -14.27 13.60 9.49
CA ALA A 418 -14.16 12.17 9.23
C ALA A 418 -15.39 11.35 9.63
N GLY A 419 -15.83 10.48 8.73
CA GLY A 419 -16.85 9.50 9.05
C GLY A 419 -16.23 8.28 9.72
N PRO A 420 -17.06 7.26 10.02
CA PRO A 420 -16.59 6.06 10.73
C PRO A 420 -15.45 5.34 10.01
N LEU A 421 -15.51 5.25 8.68
CA LEU A 421 -14.45 4.55 7.96
C LEU A 421 -13.15 5.32 7.98
N GLU A 422 -13.22 6.63 7.75
CA GLU A 422 -12.01 7.44 7.81
C GLU A 422 -11.44 7.42 9.22
N MET A 423 -12.31 7.40 10.24
CA MET A 423 -11.83 7.35 11.61
C MET A 423 -11.08 6.03 11.87
N ALA A 424 -11.59 4.93 11.32
CA ALA A 424 -10.90 3.65 11.44
C ALA A 424 -9.54 3.71 10.73
N GLN A 425 -9.50 4.31 9.55
CA GLN A 425 -8.23 4.50 8.85
C GLN A 425 -7.22 5.26 9.70
N LEU A 426 -7.65 6.37 10.29
CA LEU A 426 -6.75 7.23 11.06
C LEU A 426 -6.21 6.51 12.30
N LEU A 427 -7.10 5.81 12.99
CA LEU A 427 -6.71 5.07 14.19
C LEU A 427 -5.65 4.04 13.87
N ILE A 428 -5.86 3.29 12.80
CA ILE A 428 -4.98 2.17 12.51
C ILE A 428 -3.65 2.66 11.92
N THR A 429 -3.71 3.69 11.07
CA THR A 429 -2.48 4.22 10.49
C THR A 429 -1.61 4.93 11.55
N HIS A 430 -2.23 5.53 12.55
CA HIS A 430 -1.50 6.25 13.58
C HIS A 430 -1.00 5.36 14.74
N PHE A 431 -1.79 4.37 15.13
CA PHE A 431 -1.47 3.57 16.32
C PHE A 431 -1.22 2.10 16.06
N GLY A 432 -1.51 1.64 14.83
CA GLY A 432 -1.46 0.22 14.56
C GLY A 432 -2.76 -0.46 14.95
N PRO A 433 -2.99 -1.68 14.44
CA PRO A 433 -4.29 -2.34 14.63
C PRO A 433 -4.67 -2.68 16.07
N GLU A 434 -3.74 -3.22 16.85
CA GLU A 434 -4.08 -3.65 18.20
C GLU A 434 -4.35 -2.47 19.12
N GLU A 435 -3.53 -1.43 19.01
CA GLU A 435 -3.71 -0.23 19.83
C GLU A 435 -4.96 0.54 19.40
N ALA A 436 -5.22 0.60 18.10
CA ALA A 436 -6.41 1.28 17.60
C ALA A 436 -7.65 0.64 18.20
N TRP A 437 -7.64 -0.69 18.27
CA TRP A 437 -8.76 -1.44 18.80
C TRP A 437 -8.90 -1.23 20.31
N ARG A 438 -7.77 -1.24 21.02
CA ARG A 438 -7.79 -1.03 22.47
C ARG A 438 -8.33 0.37 22.81
N LEU A 439 -7.85 1.38 22.09
CA LEU A 439 -8.33 2.76 22.25
C LEU A 439 -9.80 2.93 21.91
N ALA A 440 -10.24 2.28 20.82
CA ALA A 440 -11.63 2.39 20.40
C ALA A 440 -12.58 1.85 21.49
N LEU A 441 -12.30 0.63 21.96
CA LEU A 441 -13.20 -0.01 22.92
C LEU A 441 -13.19 0.73 24.26
N SER A 442 -12.01 1.18 24.67
CA SER A 442 -11.87 1.98 25.89
C SER A 442 -12.67 3.28 25.80
N THR A 443 -12.62 3.92 24.64
CA THR A 443 -13.34 5.17 24.42
C THR A 443 -14.86 4.93 24.33
N PHE A 444 -15.25 3.73 23.89
CA PHE A 444 -16.67 3.37 23.82
C PHE A 444 -17.33 3.44 25.20
N GLU A 445 -16.63 2.94 26.22
CA GLU A 445 -17.20 2.96 27.56
C GLU A 445 -17.07 4.34 28.21
N ARG A 446 -16.42 5.26 27.50
CA ARG A 446 -16.29 6.64 27.98
C ARG A 446 -17.41 7.53 27.44
N ILE A 447 -18.13 7.05 26.44
CA ILE A 447 -19.20 7.82 25.83
C ILE A 447 -20.54 7.10 25.99
N ASN A 448 -20.63 6.28 27.04
CA ASN A 448 -21.84 5.53 27.38
C ASN A 448 -22.28 4.58 26.26
N ARG A 449 -21.31 3.90 25.66
CA ARG A 449 -21.61 2.81 24.75
C ARG A 449 -20.90 1.56 25.24
N LYS A 450 -21.27 1.11 26.44
CA LYS A 450 -20.66 -0.09 27.00
C LYS A 450 -21.13 -1.32 26.24
N ASP A 451 -22.24 -1.18 25.50
CA ASP A 451 -22.72 -2.26 24.66
C ASP A 451 -21.65 -2.62 23.63
N LEU A 452 -21.07 -1.62 23.00
CA LEU A 452 -20.02 -1.84 22.02
C LEU A 452 -18.77 -2.40 22.66
N TRP A 453 -18.45 -1.92 23.86
CA TRP A 453 -17.32 -2.45 24.59
C TRP A 453 -17.52 -3.94 24.88
N GLU A 454 -18.72 -4.27 25.36
CA GLU A 454 -19.07 -5.66 25.67
C GLU A 454 -19.00 -6.55 24.44
N ARG A 455 -19.61 -6.08 23.35
CA ARG A 455 -19.61 -6.80 22.09
C ARG A 455 -18.19 -7.00 21.57
N GLY A 456 -17.36 -5.96 21.71
CA GLY A 456 -15.99 -6.01 21.25
C GLY A 456 -15.11 -6.95 22.04
N GLN A 457 -15.49 -7.20 23.29
CA GLN A 457 -14.76 -8.15 24.12
C GLN A 457 -14.94 -9.54 23.57
N ARG A 458 -16.17 -9.86 23.17
CA ARG A 458 -16.47 -11.15 22.57
C ARG A 458 -15.98 -11.18 21.12
N MET B 1 -37.79 18.50 -12.23
CA MET B 1 -38.37 18.84 -13.53
C MET B 1 -37.61 18.19 -14.66
N LYS B 2 -38.31 17.92 -15.75
CA LYS B 2 -37.64 17.43 -16.94
C LYS B 2 -36.96 18.60 -17.64
N ILE B 3 -35.91 18.29 -18.37
CA ILE B 3 -35.21 19.28 -19.18
C ILE B 3 -36.14 19.70 -20.31
N GLU B 4 -36.15 20.99 -20.60
CA GLU B 4 -37.04 21.56 -21.60
C GLU B 4 -36.70 21.11 -23.01
N GLU B 5 -37.71 20.67 -23.75
CA GLU B 5 -37.54 20.15 -25.10
C GLU B 5 -37.51 21.25 -26.16
N GLY B 6 -36.66 21.07 -27.17
CA GLY B 6 -36.62 21.98 -28.31
C GLY B 6 -35.65 23.13 -28.25
N LYS B 7 -34.67 23.04 -27.35
CA LYS B 7 -33.61 24.05 -27.29
C LYS B 7 -32.40 23.35 -26.74
N LEU B 8 -31.29 24.06 -26.65
CA LEU B 8 -30.10 23.50 -26.03
C LEU B 8 -29.59 24.44 -24.95
N VAL B 9 -29.41 23.91 -23.75
CA VAL B 9 -28.72 24.62 -22.68
C VAL B 9 -27.34 23.97 -22.49
N ILE B 10 -26.29 24.79 -22.49
CA ILE B 10 -24.92 24.31 -22.40
C ILE B 10 -24.25 24.90 -21.18
N TRP B 11 -23.55 24.06 -20.40
CA TRP B 11 -22.72 24.55 -19.30
C TRP B 11 -21.24 24.44 -19.69
N ILE B 12 -20.48 25.49 -19.43
CA ILE B 12 -19.03 25.45 -19.66
C ILE B 12 -18.36 26.37 -18.63
N ASN B 13 -17.11 26.08 -18.27
CA ASN B 13 -16.44 26.86 -17.23
C ASN B 13 -16.19 28.29 -17.67
N GLY B 14 -16.23 29.22 -16.73
CA GLY B 14 -16.12 30.63 -17.05
C GLY B 14 -14.76 31.03 -17.59
N ASP B 15 -13.75 30.20 -17.38
CA ASP B 15 -12.42 30.53 -17.90
C ASP B 15 -12.27 30.14 -19.38
N LYS B 16 -13.28 29.49 -19.96
CA LYS B 16 -13.24 29.12 -21.38
C LYS B 16 -13.97 30.12 -22.28
N GLY B 17 -13.92 29.91 -23.59
CA GLY B 17 -14.49 30.85 -24.55
C GLY B 17 -15.99 30.72 -24.74
N TYR B 18 -16.76 30.99 -23.69
CA TYR B 18 -18.20 30.78 -23.77
C TYR B 18 -18.91 31.79 -24.68
N ASN B 19 -18.33 32.97 -24.89
CA ASN B 19 -18.95 33.92 -25.80
C ASN B 19 -18.77 33.45 -27.25
N GLY B 20 -17.60 32.89 -27.55
CA GLY B 20 -17.35 32.30 -28.84
C GLY B 20 -18.24 31.09 -29.06
N LEU B 21 -18.45 30.30 -28.01
CA LEU B 21 -19.34 29.15 -28.11
C LEU B 21 -20.76 29.62 -28.40
N ALA B 22 -21.15 30.75 -27.80
CA ALA B 22 -22.48 31.29 -28.06
C ALA B 22 -22.61 31.73 -29.53
N GLU B 23 -21.52 32.15 -30.15
CA GLU B 23 -21.54 32.50 -31.57
CA GLU B 23 -21.55 32.51 -31.57
C GLU B 23 -21.81 31.27 -32.44
N VAL B 24 -21.24 30.13 -32.04
CA VAL B 24 -21.54 28.90 -32.76
C VAL B 24 -23.01 28.55 -32.56
N GLY B 25 -23.51 28.76 -31.35
CA GLY B 25 -24.90 28.51 -31.00
C GLY B 25 -25.84 29.35 -31.87
N LYS B 26 -25.44 30.59 -32.15
CA LYS B 26 -26.23 31.46 -33.02
C LYS B 26 -26.24 31.00 -34.47
N LYS B 27 -25.12 30.45 -34.93
CA LYS B 27 -25.05 29.89 -36.28
C LYS B 27 -26.01 28.71 -36.40
N PHE B 28 -26.07 27.90 -35.34
CA PHE B 28 -26.99 26.76 -35.29
C PHE B 28 -28.43 27.27 -35.37
N GLU B 29 -28.72 28.32 -34.60
CA GLU B 29 -30.07 28.89 -34.56
C GLU B 29 -30.47 29.49 -35.91
N LYS B 30 -29.51 30.08 -36.61
CA LYS B 30 -29.79 30.65 -37.93
C LYS B 30 -30.21 29.58 -38.95
N ASP B 31 -29.59 28.41 -38.87
CA ASP B 31 -29.89 27.34 -39.80
C ASP B 31 -31.14 26.54 -39.42
N THR B 32 -31.38 26.39 -38.12
CA THR B 32 -32.39 25.44 -37.65
C THR B 32 -33.50 26.04 -36.80
N GLY B 33 -33.36 27.30 -36.40
CA GLY B 33 -34.32 27.90 -35.49
C GLY B 33 -34.21 27.48 -34.04
N ILE B 34 -33.25 26.60 -33.73
CA ILE B 34 -33.08 26.11 -32.37
C ILE B 34 -32.20 27.05 -31.53
N LYS B 35 -32.76 27.57 -30.45
CA LYS B 35 -32.02 28.48 -29.58
C LYS B 35 -31.01 27.74 -28.72
N VAL B 36 -29.80 28.29 -28.64
CA VAL B 36 -28.74 27.74 -27.80
C VAL B 36 -28.38 28.75 -26.72
N THR B 37 -28.47 28.30 -25.47
CA THR B 37 -28.16 29.14 -24.31
C THR B 37 -26.90 28.61 -23.65
N VAL B 38 -25.87 29.43 -23.57
CA VAL B 38 -24.62 29.04 -22.90
C VAL B 38 -24.54 29.68 -21.53
N GLU B 39 -24.35 28.86 -20.51
CA GLU B 39 -24.20 29.36 -19.14
C GLU B 39 -22.85 28.93 -18.56
N HIS B 40 -22.38 29.67 -17.56
CA HIS B 40 -21.14 29.27 -16.90
C HIS B 40 -21.28 29.36 -15.39
N PRO B 41 -22.03 28.43 -14.81
CA PRO B 41 -22.23 28.39 -13.36
C PRO B 41 -20.93 28.17 -12.61
N ASP B 42 -20.78 28.75 -11.42
CA ASP B 42 -19.62 28.41 -10.61
CA ASP B 42 -19.65 28.43 -10.56
C ASP B 42 -19.77 26.97 -10.13
N LYS B 43 -18.64 26.30 -9.97
CA LYS B 43 -18.61 24.91 -9.50
C LYS B 43 -19.53 24.00 -10.33
N LEU B 44 -19.53 24.17 -11.65
CA LEU B 44 -20.49 23.43 -12.47
C LEU B 44 -20.20 21.93 -12.43
N GLU B 45 -18.96 21.57 -12.17
CA GLU B 45 -18.56 20.17 -12.18
C GLU B 45 -19.07 19.46 -10.93
N GLU B 46 -19.44 20.25 -9.93
CA GLU B 46 -20.06 19.70 -8.71
C GLU B 46 -21.58 19.77 -8.79
N LYS B 47 -22.11 20.81 -9.42
CA LYS B 47 -23.56 20.97 -9.56
C LYS B 47 -24.17 19.96 -10.52
N PHE B 48 -23.47 19.67 -11.61
CA PHE B 48 -24.02 18.78 -12.63
C PHE B 48 -24.41 17.39 -12.08
N PRO B 49 -23.52 16.74 -11.30
CA PRO B 49 -23.96 15.42 -10.83
C PRO B 49 -25.15 15.46 -9.88
N GLN B 50 -25.36 16.59 -9.20
CA GLN B 50 -26.50 16.71 -8.31
C GLN B 50 -27.79 16.92 -9.08
N VAL B 51 -27.73 17.82 -10.06
CA VAL B 51 -28.89 18.14 -10.88
C VAL B 51 -29.22 17.00 -11.86
N ALA B 52 -28.22 16.39 -12.48
CA ALA B 52 -28.47 15.36 -13.50
C ALA B 52 -28.99 14.03 -12.92
N ALA B 53 -28.66 13.73 -11.66
CA ALA B 53 -29.15 12.49 -11.03
C ALA B 53 -30.68 12.49 -10.93
N THR B 54 -31.26 13.68 -10.84
CA THR B 54 -32.70 13.83 -10.72
C THR B 54 -33.36 14.08 -12.08
N GLY B 55 -32.55 14.03 -13.13
CA GLY B 55 -33.06 14.19 -14.48
C GLY B 55 -33.16 15.62 -14.97
N ASP B 56 -32.49 16.54 -14.27
CA ASP B 56 -32.49 17.93 -14.70
CA ASP B 56 -32.48 17.93 -14.73
C ASP B 56 -31.08 18.32 -15.17
N GLY B 57 -30.89 19.61 -15.44
CA GLY B 57 -29.58 20.14 -15.82
C GLY B 57 -29.47 20.66 -17.23
N PRO B 58 -28.24 20.91 -17.69
CA PRO B 58 -28.04 21.34 -19.06
C PRO B 58 -28.17 20.17 -20.02
N ASP B 59 -28.37 20.45 -21.30
CA ASP B 59 -28.33 19.41 -22.32
C ASP B 59 -26.90 18.94 -22.56
N ILE B 60 -25.95 19.87 -22.49
CA ILE B 60 -24.55 19.57 -22.77
C ILE B 60 -23.68 20.16 -21.67
N ILE B 61 -22.74 19.37 -21.17
CA ILE B 61 -21.79 19.85 -20.17
C ILE B 61 -20.37 19.76 -20.71
N PHE B 62 -19.62 20.85 -20.62
CA PHE B 62 -18.20 20.88 -20.97
C PHE B 62 -17.34 20.81 -19.72
N TRP B 63 -16.38 19.90 -19.70
CA TRP B 63 -15.36 19.85 -18.64
C TRP B 63 -14.21 19.00 -19.14
N ALA B 64 -13.07 19.04 -18.47
CA ALA B 64 -12.04 18.07 -18.77
C ALA B 64 -12.57 16.66 -18.54
N HIS B 65 -12.02 15.71 -19.27
CA HIS B 65 -12.54 14.35 -19.30
C HIS B 65 -12.43 13.58 -17.98
N ASP B 66 -11.62 14.04 -17.03
CA ASP B 66 -11.42 13.28 -15.79
C ASP B 66 -12.71 13.12 -14.96
N ARG B 67 -13.63 14.09 -15.07
CA ARG B 67 -14.88 14.07 -14.31
CA ARG B 67 -14.87 14.05 -14.29
C ARG B 67 -15.92 13.13 -14.91
N PHE B 68 -15.73 12.78 -16.19
CA PHE B 68 -16.82 12.13 -16.93
C PHE B 68 -17.06 10.64 -16.64
N GLY B 69 -16.04 9.91 -16.18
CA GLY B 69 -16.25 8.51 -15.86
C GLY B 69 -17.21 8.37 -14.70
N GLY B 70 -17.05 9.25 -13.70
CA GLY B 70 -17.95 9.32 -12.56
C GLY B 70 -19.37 9.63 -12.99
N TYR B 71 -19.53 10.61 -13.88
CA TYR B 71 -20.84 10.96 -14.38
C TYR B 71 -21.46 9.77 -15.10
N ALA B 72 -20.68 9.12 -15.95
CA ALA B 72 -21.19 8.03 -16.76
C ALA B 72 -21.64 6.88 -15.88
N GLN B 73 -20.81 6.55 -14.88
CA GLN B 73 -21.11 5.44 -13.97
C GLN B 73 -22.43 5.69 -13.22
N SER B 74 -22.73 6.96 -12.95
CA SER B 74 -23.95 7.32 -12.24
C SER B 74 -25.16 7.46 -13.18
N GLY B 75 -24.98 7.11 -14.45
CA GLY B 75 -26.06 7.19 -15.42
C GLY B 75 -26.41 8.58 -15.89
N LEU B 76 -25.43 9.48 -15.87
CA LEU B 76 -25.70 10.89 -16.13
C LEU B 76 -25.35 11.32 -17.55
N LEU B 77 -24.66 10.45 -18.29
CA LEU B 77 -24.24 10.80 -19.65
C LEU B 77 -24.75 9.81 -20.68
N ALA B 78 -25.22 10.32 -21.82
CA ALA B 78 -25.66 9.49 -22.93
C ALA B 78 -24.48 8.91 -23.71
N GLU B 79 -24.59 7.66 -24.14
CA GLU B 79 -23.58 7.10 -25.01
C GLU B 79 -23.56 7.86 -26.33
N ILE B 80 -22.35 8.21 -26.77
CA ILE B 80 -22.10 8.89 -28.02
C ILE B 80 -21.86 7.85 -29.11
N THR B 81 -22.48 8.04 -30.28
CA THR B 81 -22.25 7.12 -31.40
C THR B 81 -22.04 7.86 -32.71
N PRO B 82 -20.87 8.49 -32.88
CA PRO B 82 -20.54 9.15 -34.13
C PRO B 82 -20.25 8.13 -35.22
N ALA B 83 -20.57 8.46 -36.46
CA ALA B 83 -20.27 7.58 -37.58
C ALA B 83 -18.76 7.52 -37.80
N ALA B 84 -18.30 6.51 -38.54
CA ALA B 84 -16.86 6.32 -38.74
C ALA B 84 -16.17 7.52 -39.37
N ALA B 85 -16.81 8.15 -40.35
CA ALA B 85 -16.19 9.30 -41.01
C ALA B 85 -16.05 10.46 -40.04
N PHE B 86 -16.96 10.58 -39.08
CA PHE B 86 -16.80 11.66 -38.12
C PHE B 86 -15.66 11.33 -37.15
N GLN B 87 -15.63 10.09 -36.66
CA GLN B 87 -14.60 9.69 -35.68
C GLN B 87 -13.22 9.93 -36.26
N ASP B 88 -13.11 9.71 -37.56
CA ASP B 88 -11.88 9.88 -38.31
C ASP B 88 -11.35 11.32 -38.31
N LYS B 89 -12.23 12.28 -38.03
CA LYS B 89 -11.87 13.69 -38.05
C LYS B 89 -11.07 14.13 -36.82
N LEU B 90 -11.15 13.32 -35.75
CA LEU B 90 -10.49 13.65 -34.48
C LEU B 90 -9.37 12.67 -34.17
N TYR B 91 -8.34 13.14 -33.46
CA TYR B 91 -7.22 12.26 -33.09
C TYR B 91 -7.67 11.08 -32.22
N PRO B 92 -7.22 9.88 -32.59
CA PRO B 92 -7.57 8.67 -31.82
C PRO B 92 -7.35 8.78 -30.31
N PHE B 93 -6.27 9.42 -29.88
CA PHE B 93 -6.03 9.47 -28.45
C PHE B 93 -7.00 10.40 -27.72
N THR B 94 -7.66 11.31 -28.44
CA THR B 94 -8.65 12.14 -27.76
C THR B 94 -9.94 11.32 -27.58
N TRP B 95 -10.26 10.45 -28.53
CA TRP B 95 -11.38 9.53 -28.33
C TRP B 95 -11.09 8.58 -27.16
N ASP B 96 -9.83 8.18 -27.02
CA ASP B 96 -9.45 7.32 -25.90
C ASP B 96 -9.78 7.95 -24.54
N ALA B 97 -9.57 9.26 -24.43
CA ALA B 97 -9.81 9.96 -23.17
C ALA B 97 -11.29 9.96 -22.77
N VAL B 98 -12.19 9.83 -23.75
CA VAL B 98 -13.61 9.88 -23.44
C VAL B 98 -14.28 8.52 -23.62
N ARG B 99 -13.49 7.46 -23.55
CA ARG B 99 -14.06 6.13 -23.56
C ARG B 99 -14.14 5.61 -22.12
N TYR B 100 -15.31 5.14 -21.73
CA TYR B 100 -15.50 4.59 -20.39
C TYR B 100 -16.27 3.28 -20.46
N ASN B 101 -15.68 2.21 -19.91
CA ASN B 101 -16.29 0.88 -19.96
C ASN B 101 -16.68 0.48 -21.37
N GLY B 102 -15.78 0.73 -22.30
CA GLY B 102 -15.97 0.33 -23.69
C GLY B 102 -16.81 1.25 -24.55
N LYS B 103 -17.43 2.27 -23.96
CA LYS B 103 -18.33 3.15 -24.69
C LYS B 103 -17.82 4.58 -24.71
N LEU B 104 -18.09 5.30 -25.80
CA LEU B 104 -17.76 6.73 -25.86
C LEU B 104 -18.83 7.51 -25.10
N ILE B 105 -18.43 8.39 -24.18
CA ILE B 105 -19.38 9.09 -23.32
CA ILE B 105 -19.41 9.09 -23.36
C ILE B 105 -19.31 10.63 -23.47
N ALA B 106 -18.59 11.10 -24.47
CA ALA B 106 -18.47 12.54 -24.73
C ALA B 106 -17.76 12.79 -26.03
N TYR B 107 -17.89 14.00 -26.54
CA TYR B 107 -17.07 14.44 -27.67
C TYR B 107 -15.82 15.17 -27.19
N PRO B 108 -14.64 14.73 -27.64
CA PRO B 108 -13.43 15.47 -27.25
C PRO B 108 -13.30 16.75 -28.05
N ILE B 109 -12.82 17.81 -27.39
CA ILE B 109 -12.72 19.11 -28.04
C ILE B 109 -11.27 19.58 -28.15
N ALA B 110 -10.52 19.50 -27.05
CA ALA B 110 -9.18 20.06 -27.07
C ALA B 110 -8.29 19.52 -25.96
N VAL B 111 -7.00 19.46 -26.24
CA VAL B 111 -6.01 18.99 -25.28
C VAL B 111 -5.44 20.15 -24.49
N GLU B 112 -5.56 20.07 -23.16
CA GLU B 112 -5.12 21.12 -22.26
C GLU B 112 -3.93 20.64 -21.44
N ALA B 113 -2.82 21.36 -21.50
CA ALA B 113 -1.71 21.14 -20.57
C ALA B 113 -1.20 22.48 -20.08
N LEU B 114 -0.80 22.52 -18.81
CA LEU B 114 -0.18 23.70 -18.22
C LEU B 114 1.21 23.93 -18.81
N SER B 115 1.57 25.20 -18.99
CA SER B 115 2.92 25.56 -19.40
C SER B 115 3.49 26.64 -18.48
N LEU B 116 4.79 26.88 -18.61
CA LEU B 116 5.42 28.02 -17.96
C LEU B 116 5.24 29.23 -18.86
N ILE B 117 4.64 30.28 -18.33
CA ILE B 117 4.46 31.53 -19.08
C ILE B 117 5.34 32.58 -18.46
N TYR B 118 6.17 33.26 -19.25
CA TYR B 118 7.11 34.20 -18.68
C TYR B 118 7.15 35.54 -19.43
N ASN B 119 7.50 36.57 -18.66
CA ASN B 119 7.64 37.93 -19.16
C ASN B 119 9.06 38.12 -19.69
N LYS B 120 9.19 38.26 -21.01
CA LYS B 120 10.48 38.29 -21.70
C LYS B 120 11.30 39.54 -21.38
N ASP B 121 10.64 40.58 -20.91
CA ASP B 121 11.32 41.83 -20.56
C ASP B 121 11.93 41.75 -19.15
N LEU B 122 11.28 41.04 -18.24
CA LEU B 122 11.82 40.83 -16.90
C LEU B 122 12.81 39.67 -16.89
N LEU B 123 12.60 38.74 -17.81
CA LEU B 123 13.26 37.45 -17.76
C LEU B 123 13.48 36.92 -19.17
N PRO B 124 14.53 37.40 -19.84
CA PRO B 124 14.79 37.01 -21.23
C PRO B 124 15.03 35.51 -21.40
N ASN B 125 15.52 34.89 -20.35
CA ASN B 125 15.78 33.46 -20.38
C ASN B 125 15.12 32.75 -19.20
N PRO B 126 14.09 31.94 -19.49
CA PRO B 126 13.36 31.23 -18.43
C PRO B 126 14.20 30.15 -17.75
N PRO B 127 13.94 29.89 -16.48
CA PRO B 127 14.73 28.91 -15.71
C PRO B 127 14.53 27.48 -16.18
N LYS B 128 15.64 26.76 -16.28
CA LYS B 128 15.62 25.33 -16.61
C LYS B 128 15.01 24.51 -15.48
N THR B 129 15.33 24.90 -14.25
CA THR B 129 15.02 24.11 -13.06
C THR B 129 14.14 24.86 -12.07
N TRP B 130 13.37 24.10 -11.27
CA TRP B 130 12.68 24.66 -10.12
C TRP B 130 13.70 25.15 -9.09
N GLU B 131 14.79 24.39 -8.95
CA GLU B 131 15.77 24.64 -7.93
C GLU B 131 16.40 26.03 -8.02
N GLU B 132 16.50 26.58 -9.22
CA GLU B 132 17.14 27.88 -9.36
C GLU B 132 16.19 29.06 -9.11
N ILE B 133 14.90 28.76 -8.91
CA ILE B 133 13.95 29.87 -8.79
C ILE B 133 14.09 30.73 -7.52
N PRO B 134 14.44 30.14 -6.35
CA PRO B 134 14.66 31.03 -5.20
C PRO B 134 15.69 32.14 -5.45
N ALA B 135 16.79 31.82 -6.12
CA ALA B 135 17.83 32.81 -6.39
C ALA B 135 17.33 33.85 -7.38
N LEU B 136 16.53 33.39 -8.34
CA LEU B 136 15.91 34.28 -9.31
C LEU B 136 14.98 35.28 -8.60
N ASP B 137 14.22 34.78 -7.64
CA ASP B 137 13.30 35.65 -6.92
C ASP B 137 14.04 36.70 -6.11
N LYS B 138 15.13 36.29 -5.47
CA LYS B 138 15.93 37.22 -4.68
C LYS B 138 16.38 38.41 -5.53
N GLU B 139 16.81 38.12 -6.76
CA GLU B 139 17.29 39.15 -7.67
C GLU B 139 16.15 40.07 -8.11
N LEU B 140 15.00 39.48 -8.44
CA LEU B 140 13.84 40.26 -8.87
C LEU B 140 13.25 41.08 -7.72
N LYS B 141 13.33 40.55 -6.51
CA LYS B 141 12.78 41.23 -5.33
C LYS B 141 13.49 42.57 -5.09
N ALA B 142 14.75 42.65 -5.51
CA ALA B 142 15.52 43.87 -5.35
C ALA B 142 15.14 44.90 -6.40
N LYS B 143 14.32 44.47 -7.37
CA LYS B 143 13.82 45.37 -8.41
C LYS B 143 12.32 45.61 -8.23
N GLY B 144 11.81 45.26 -7.07
CA GLY B 144 10.40 45.46 -6.75
C GLY B 144 9.48 44.48 -7.45
N LYS B 145 10.04 43.39 -7.96
CA LYS B 145 9.26 42.36 -8.65
C LYS B 145 9.37 41.01 -7.92
N SER B 146 8.77 39.97 -8.47
CA SER B 146 8.94 38.62 -7.92
C SER B 146 9.09 37.63 -9.07
N ALA B 147 9.59 36.43 -8.79
CA ALA B 147 9.86 35.48 -9.86
C ALA B 147 8.61 34.76 -10.35
N LEU B 148 7.77 34.30 -9.43
CA LEU B 148 6.73 33.35 -9.79
C LEU B 148 5.46 33.46 -8.95
N MET B 149 4.32 33.55 -9.63
CA MET B 149 3.05 33.49 -8.94
C MET B 149 2.07 32.64 -9.75
N PHE B 150 1.41 31.70 -9.10
CA PHE B 150 0.39 30.88 -9.75
C PHE B 150 -0.60 30.38 -8.71
N ASN B 151 -1.70 29.81 -9.18
CA ASN B 151 -2.79 29.45 -8.28
C ASN B 151 -2.43 28.31 -7.33
N LEU B 152 -2.33 28.60 -6.04
CA LEU B 152 -2.00 27.58 -5.03
C LEU B 152 -3.22 26.97 -4.36
N GLN B 153 -4.41 27.35 -4.84
CA GLN B 153 -5.67 26.89 -4.24
C GLN B 153 -6.27 25.67 -4.94
N GLU B 154 -5.84 25.41 -6.18
CA GLU B 154 -6.29 24.25 -6.94
C GLU B 154 -5.12 23.32 -7.23
N PRO B 155 -5.24 22.03 -6.87
CA PRO B 155 -4.08 21.12 -6.99
C PRO B 155 -3.65 20.86 -8.43
N TYR B 156 -4.53 21.12 -9.39
CA TYR B 156 -4.15 21.06 -10.79
C TYR B 156 -2.82 21.75 -11.06
N PHE B 157 -2.61 22.88 -10.39
CA PHE B 157 -1.48 23.74 -10.71
C PHE B 157 -0.21 23.32 -10.00
N THR B 158 -0.37 22.65 -8.87
CA THR B 158 0.79 22.20 -8.09
C THR B 158 1.18 20.76 -8.39
N TRP B 159 0.21 20.00 -8.91
CA TRP B 159 0.49 18.61 -9.30
C TRP B 159 1.73 18.41 -10.20
N PRO B 160 2.00 19.31 -11.18
CA PRO B 160 3.16 19.02 -12.04
C PRO B 160 4.46 18.86 -11.25
N LEU B 161 4.59 19.60 -10.17
CA LEU B 161 5.79 19.54 -9.34
C LEU B 161 5.77 18.33 -8.40
N ILE B 162 4.62 18.03 -7.83
CA ILE B 162 4.44 16.87 -6.96
C ILE B 162 4.73 15.58 -7.73
N ALA B 163 4.35 15.55 -9.01
CA ALA B 163 4.51 14.36 -9.82
C ALA B 163 5.91 14.22 -10.40
N ALA B 164 6.65 15.34 -10.51
CA ALA B 164 7.93 15.34 -11.21
C ALA B 164 8.86 14.23 -10.74
N ASP B 165 9.08 14.14 -9.42
CA ASP B 165 10.06 13.20 -8.86
C ASP B 165 9.43 11.87 -8.43
N GLY B 166 8.17 11.64 -8.78
CA GLY B 166 7.59 10.32 -8.58
C GLY B 166 6.20 10.20 -8.03
N GLY B 167 5.56 11.33 -7.70
CA GLY B 167 4.19 11.28 -7.25
C GLY B 167 3.28 10.79 -8.37
N TYR B 168 2.20 10.10 -7.99
CA TYR B 168 1.20 9.67 -8.96
C TYR B 168 -0.16 9.48 -8.27
N ALA B 169 -1.23 9.45 -9.05
CA ALA B 169 -2.57 9.32 -8.47
C ALA B 169 -2.88 7.86 -8.14
N PHE B 170 -3.19 7.09 -9.18
CA PHE B 170 -3.43 5.66 -9.02
C PHE B 170 -2.47 4.92 -9.93
N LYS B 171 -1.91 3.82 -9.44
CA LYS B 171 -0.93 3.06 -10.23
C LYS B 171 -1.54 2.48 -11.49
N TYR B 172 -0.86 2.68 -12.61
CA TYR B 172 -1.35 2.19 -13.89
C TYR B 172 -0.50 1.01 -14.37
N ALA B 173 -1.17 -0.10 -14.68
CA ALA B 173 -0.50 -1.30 -15.14
C ALA B 173 -1.49 -2.23 -15.85
N ALA B 174 -1.08 -2.73 -17.02
CA ALA B 174 -1.91 -3.61 -17.84
C ALA B 174 -3.22 -2.94 -18.24
N GLY B 175 -3.12 -1.73 -18.79
CA GLY B 175 -4.28 -0.98 -19.26
C GLY B 175 -5.35 -0.78 -18.21
N LYS B 176 -4.94 -0.72 -16.94
CA LYS B 176 -5.88 -0.67 -15.83
C LYS B 176 -5.28 0.05 -14.63
N TYR B 177 -6.08 0.91 -14.01
CA TYR B 177 -5.64 1.61 -12.80
C TYR B 177 -5.93 0.79 -11.56
N ASP B 178 -5.01 0.82 -10.61
CA ASP B 178 -5.17 0.13 -9.34
C ASP B 178 -5.52 1.15 -8.27
N ILE B 179 -6.78 1.21 -7.85
CA ILE B 179 -7.22 2.26 -6.95
C ILE B 179 -6.84 2.02 -5.48
N LYS B 180 -6.26 0.86 -5.17
CA LYS B 180 -5.74 0.70 -3.83
C LYS B 180 -4.27 1.11 -3.77
N ASP B 181 -3.68 1.39 -4.93
CA ASP B 181 -2.29 1.83 -5.01
C ASP B 181 -2.21 3.32 -5.35
N VAL B 182 -2.15 4.15 -4.33
CA VAL B 182 -2.15 5.61 -4.49
C VAL B 182 -0.75 6.16 -4.26
N GLY B 183 -0.30 7.07 -5.12
CA GLY B 183 1.07 7.56 -5.05
C GLY B 183 1.25 8.99 -4.55
N VAL B 184 0.38 9.45 -3.66
CA VAL B 184 0.45 10.85 -3.23
C VAL B 184 1.33 11.09 -2.01
N ASP B 185 1.84 10.05 -1.38
CA ASP B 185 2.73 10.30 -0.26
C ASP B 185 4.01 9.44 -0.31
N ASN B 186 4.47 9.13 -1.52
CA ASN B 186 5.77 8.49 -1.67
C ASN B 186 6.89 9.54 -1.63
N ALA B 187 8.13 9.11 -1.79
CA ALA B 187 9.30 9.99 -1.68
C ALA B 187 9.24 11.17 -2.64
N GLY B 188 8.90 10.87 -3.89
CA GLY B 188 8.82 11.88 -4.93
C GLY B 188 7.75 12.93 -4.64
N ALA B 189 6.57 12.48 -4.23
CA ALA B 189 5.50 13.41 -3.92
C ALA B 189 5.90 14.32 -2.77
N LYS B 190 6.49 13.74 -1.73
CA LYS B 190 6.90 14.53 -0.58
C LYS B 190 7.99 15.54 -0.93
N ALA B 191 8.92 15.16 -1.80
CA ALA B 191 10.00 16.06 -2.19
C ALA B 191 9.45 17.28 -2.94
N GLY B 192 8.51 17.02 -3.85
CA GLY B 192 7.92 18.10 -4.62
C GLY B 192 7.13 19.07 -3.76
N LEU B 193 6.27 18.55 -2.90
CA LEU B 193 5.48 19.44 -2.04
C LEU B 193 6.36 20.16 -1.02
N THR B 194 7.39 19.48 -0.54
CA THR B 194 8.32 20.14 0.38
C THR B 194 9.00 21.33 -0.32
N PHE B 195 9.36 21.19 -1.60
CA PHE B 195 9.97 22.32 -2.31
C PHE B 195 9.01 23.51 -2.39
N LEU B 196 7.74 23.23 -2.70
CA LEU B 196 6.72 24.28 -2.74
C LEU B 196 6.57 24.98 -1.40
N VAL B 197 6.49 24.20 -0.32
CA VAL B 197 6.32 24.77 1.01
C VAL B 197 7.55 25.61 1.41
N ASP B 198 8.73 25.15 1.03
CA ASP B 198 9.95 25.90 1.34
C ASP B 198 10.00 27.22 0.55
N LEU B 199 9.47 27.22 -0.68
CA LEU B 199 9.33 28.47 -1.42
C LEU B 199 8.51 29.47 -0.62
N ILE B 200 7.46 28.97 0.03
CA ILE B 200 6.57 29.83 0.80
C ILE B 200 7.24 30.25 2.10
N LYS B 201 7.88 29.31 2.79
CA LYS B 201 8.57 29.61 4.04
C LYS B 201 9.65 30.67 3.85
N ASN B 202 10.33 30.62 2.71
CA ASN B 202 11.37 31.58 2.39
C ASN B 202 10.85 32.80 1.65
N LYS B 203 9.53 32.97 1.69
CA LYS B 203 8.83 34.16 1.17
C LYS B 203 9.01 34.42 -0.33
N HIS B 204 9.22 33.36 -1.10
CA HIS B 204 9.25 33.51 -2.55
C HIS B 204 7.85 33.33 -3.13
N MET B 205 6.95 32.71 -2.36
CA MET B 205 5.53 32.67 -2.73
C MET B 205 4.66 32.88 -1.50
N ASN B 206 3.40 33.20 -1.72
CA ASN B 206 2.45 33.42 -0.65
C ASN B 206 1.38 32.34 -0.69
N ALA B 207 1.15 31.68 0.44
CA ALA B 207 0.21 30.56 0.49
C ALA B 207 -1.20 30.97 0.07
N ASP B 208 -1.50 32.27 0.15
CA ASP B 208 -2.85 32.75 -0.13
C ASP B 208 -3.09 33.03 -1.61
N THR B 209 -2.05 32.95 -2.44
CA THR B 209 -2.16 33.31 -3.85
C THR B 209 -3.16 32.40 -4.56
N ASP B 210 -4.10 32.99 -5.29
CA ASP B 210 -5.10 32.21 -6.01
C ASP B 210 -5.07 32.58 -7.48
N TYR B 211 -6.06 32.11 -8.23
CA TYR B 211 -6.05 32.33 -9.68
C TYR B 211 -6.07 33.81 -10.05
N SER B 212 -6.96 34.58 -9.45
CA SER B 212 -7.09 35.98 -9.86
C SER B 212 -5.90 36.81 -9.39
N ILE B 213 -5.35 36.49 -8.22
CA ILE B 213 -4.18 37.22 -7.73
C ILE B 213 -2.98 36.98 -8.66
N ALA B 214 -2.78 35.73 -9.06
CA ALA B 214 -1.68 35.39 -9.96
C ALA B 214 -1.87 36.01 -11.35
N GLU B 215 -3.10 35.97 -11.86
CA GLU B 215 -3.37 36.51 -13.18
C GLU B 215 -3.14 38.01 -13.21
N ALA B 216 -3.55 38.71 -12.15
CA ALA B 216 -3.31 40.16 -12.07
C ALA B 216 -1.83 40.47 -11.98
N ALA B 217 -1.11 39.76 -11.11
CA ALA B 217 0.31 40.02 -10.94
C ALA B 217 1.07 39.80 -12.24
N PHE B 218 0.77 38.72 -12.95
CA PHE B 218 1.50 38.51 -14.18
C PHE B 218 1.09 39.54 -15.25
N ASN B 219 -0.20 39.81 -15.36
CA ASN B 219 -0.67 40.64 -16.46
C ASN B 219 -0.37 42.13 -16.25
N LYS B 220 0.00 42.51 -15.03
CA LYS B 220 0.38 43.88 -14.71
C LYS B 220 1.90 44.01 -14.72
N GLY B 221 2.61 42.91 -14.96
CA GLY B 221 4.06 42.94 -15.08
C GLY B 221 4.77 42.97 -13.74
N GLU B 222 4.13 42.44 -12.71
CA GLU B 222 4.68 42.47 -11.35
C GLU B 222 5.46 41.21 -10.99
N THR B 223 5.17 40.11 -11.68
CA THR B 223 5.87 38.85 -11.45
C THR B 223 6.38 38.35 -12.80
N ALA B 224 7.55 37.72 -12.82
CA ALA B 224 8.20 37.34 -14.07
C ALA B 224 7.62 36.08 -14.72
N MET B 225 6.96 35.24 -13.92
CA MET B 225 6.45 33.94 -14.38
C MET B 225 5.11 33.58 -13.77
N THR B 226 4.34 32.80 -14.51
CA THR B 226 3.15 32.18 -13.96
C THR B 226 3.02 30.79 -14.58
N ILE B 227 2.08 30.01 -14.07
CA ILE B 227 1.80 28.68 -14.62
C ILE B 227 0.32 28.66 -14.94
N ASN B 228 0.00 28.43 -16.22
CA ASN B 228 -1.40 28.45 -16.62
C ASN B 228 -1.60 27.72 -17.94
N GLY B 229 -2.86 27.60 -18.36
CA GLY B 229 -3.18 26.91 -19.59
C GLY B 229 -3.53 27.86 -20.72
N PRO B 230 -3.84 27.31 -21.90
CA PRO B 230 -4.04 28.14 -23.10
C PRO B 230 -5.18 29.15 -22.97
N TRP B 231 -6.20 28.83 -22.17
CA TRP B 231 -7.32 29.76 -21.99
C TRP B 231 -6.88 31.13 -21.45
N ALA B 232 -5.73 31.17 -20.78
CA ALA B 232 -5.24 32.40 -20.16
C ALA B 232 -4.57 33.35 -21.17
N TRP B 233 -4.23 32.85 -22.36
CA TRP B 233 -3.39 33.66 -23.25
C TRP B 233 -4.09 34.92 -23.76
N SER B 234 -5.41 34.88 -23.92
CA SER B 234 -6.12 36.04 -24.49
C SER B 234 -5.99 37.28 -23.58
N ASN B 235 -6.16 37.09 -22.28
CA ASN B 235 -6.02 38.21 -21.37
C ASN B 235 -4.59 38.74 -21.39
N ILE B 236 -3.59 37.85 -21.48
CA ILE B 236 -2.22 38.32 -21.55
C ILE B 236 -1.98 39.10 -22.86
N ASP B 237 -2.61 38.66 -23.96
CA ASP B 237 -2.54 39.39 -25.23
C ASP B 237 -2.99 40.85 -25.06
N THR B 238 -4.02 41.06 -24.25
CA THR B 238 -4.56 42.41 -24.10
C THR B 238 -3.77 43.25 -23.10
N SER B 239 -2.91 42.61 -22.31
CA SER B 239 -2.02 43.33 -21.39
C SER B 239 -0.84 43.93 -22.16
N ALA B 240 0.07 44.59 -21.47
CA ALA B 240 1.28 45.10 -22.13
C ALA B 240 2.45 44.13 -22.07
N VAL B 241 2.24 42.94 -21.53
CA VAL B 241 3.34 42.00 -21.37
C VAL B 241 3.79 41.32 -22.65
N ASN B 242 5.08 41.38 -22.93
CA ASN B 242 5.70 40.58 -23.98
C ASN B 242 6.01 39.22 -23.37
N TYR B 243 5.25 38.19 -23.75
CA TYR B 243 5.35 36.90 -23.07
C TYR B 243 5.77 35.75 -23.97
N GLY B 244 6.32 34.72 -23.34
CA GLY B 244 6.56 33.45 -24.00
C GLY B 244 5.90 32.32 -23.22
N VAL B 245 5.66 31.22 -23.91
CA VAL B 245 5.06 30.02 -23.35
C VAL B 245 6.06 28.90 -23.58
N THR B 246 6.47 28.22 -22.52
CA THR B 246 7.57 27.28 -22.68
C THR B 246 7.44 26.07 -21.77
N VAL B 247 8.42 25.18 -21.86
CA VAL B 247 8.46 23.98 -21.03
C VAL B 247 8.56 24.34 -19.55
N LEU B 248 7.84 23.59 -18.71
CA LEU B 248 7.89 23.80 -17.27
C LEU B 248 9.30 23.52 -16.74
N PRO B 249 9.65 24.11 -15.59
CA PRO B 249 10.97 23.80 -15.02
C PRO B 249 11.05 22.35 -14.60
N THR B 250 12.27 21.82 -14.53
CA THR B 250 12.47 20.45 -14.09
C THR B 250 12.63 20.42 -12.57
N PHE B 251 12.45 19.26 -11.96
CA PHE B 251 12.72 19.10 -10.54
C PHE B 251 13.53 17.84 -10.34
N LYS B 252 14.67 17.98 -9.66
CA LYS B 252 15.65 16.89 -9.55
C LYS B 252 15.97 16.26 -10.92
N GLY B 253 16.01 17.10 -11.95
CA GLY B 253 16.39 16.69 -13.28
C GLY B 253 15.26 16.07 -14.08
N GLN B 254 14.11 15.91 -13.45
CA GLN B 254 12.95 15.29 -14.07
C GLN B 254 11.98 16.36 -14.55
N PRO B 255 11.33 16.14 -15.69
CA PRO B 255 10.36 17.15 -16.14
C PRO B 255 9.17 17.26 -15.19
N SER B 256 8.63 18.47 -15.04
CA SER B 256 7.33 18.61 -14.39
C SER B 256 6.32 17.83 -15.22
N LYS B 257 5.38 17.18 -14.54
CA LYS B 257 4.46 16.25 -15.21
C LYS B 257 3.02 16.67 -15.00
N PRO B 258 2.53 17.62 -15.82
CA PRO B 258 1.15 18.06 -15.59
C PRO B 258 0.17 16.94 -15.85
N PHE B 259 -0.94 16.94 -15.12
CA PHE B 259 -2.02 16.06 -15.51
C PHE B 259 -2.72 16.71 -16.70
N VAL B 260 -2.80 15.98 -17.81
CA VAL B 260 -3.31 16.52 -19.07
C VAL B 260 -4.81 16.29 -19.16
N GLY B 261 -5.56 17.36 -19.49
CA GLY B 261 -7.00 17.22 -19.62
C GLY B 261 -7.45 17.35 -21.06
N VAL B 262 -8.48 16.60 -21.43
CA VAL B 262 -9.12 16.78 -22.73
C VAL B 262 -10.47 17.45 -22.48
N LEU B 263 -10.58 18.73 -22.82
CA LEU B 263 -11.88 19.40 -22.73
C LEU B 263 -12.86 18.60 -23.58
N SER B 264 -13.98 18.20 -22.98
CA SER B 264 -14.93 17.30 -23.61
C SER B 264 -16.36 17.78 -23.42
N ALA B 265 -17.22 17.42 -24.36
CA ALA B 265 -18.64 17.81 -24.31
C ALA B 265 -19.50 16.58 -24.15
N GLY B 266 -20.15 16.46 -23.00
CA GLY B 266 -21.00 15.33 -22.73
C GLY B 266 -22.45 15.68 -22.91
N ILE B 267 -23.26 14.71 -23.33
CA ILE B 267 -24.70 14.91 -23.46
C ILE B 267 -25.43 14.32 -22.26
N ASN B 268 -26.20 15.16 -21.58
CA ASN B 268 -26.97 14.76 -20.41
C ASN B 268 -27.89 13.57 -20.73
N ALA B 269 -27.77 12.49 -19.95
CA ALA B 269 -28.57 11.29 -20.19
C ALA B 269 -30.07 11.56 -20.12
N ALA B 270 -30.43 12.62 -19.40
CA ALA B 270 -31.85 12.95 -19.20
C ALA B 270 -32.41 13.93 -20.24
N SER B 271 -31.57 14.35 -21.17
CA SER B 271 -31.99 15.33 -22.17
C SER B 271 -32.96 14.74 -23.19
N PRO B 272 -34.06 15.46 -23.47
CA PRO B 272 -34.95 15.09 -24.58
C PRO B 272 -34.42 15.62 -25.91
N ASN B 273 -33.23 16.22 -25.87
CA ASN B 273 -32.66 16.88 -27.04
C ASN B 273 -31.34 16.28 -27.52
N LYS B 274 -31.20 14.96 -27.36
CA LYS B 274 -29.92 14.32 -27.67
C LYS B 274 -29.58 14.43 -29.16
N GLU B 275 -30.58 14.39 -30.04
CA GLU B 275 -30.30 14.52 -31.48
C GLU B 275 -29.89 15.94 -31.83
N LEU B 276 -30.56 16.91 -31.21
CA LEU B 276 -30.15 18.31 -31.37
C LEU B 276 -28.72 18.50 -30.92
N ALA B 277 -28.38 17.93 -29.77
CA ALA B 277 -27.04 18.08 -29.22
C ALA B 277 -25.99 17.44 -30.12
N LYS B 278 -26.27 16.26 -30.64
CA LYS B 278 -25.35 15.56 -31.54
CA LYS B 278 -25.32 15.60 -31.52
C LYS B 278 -25.12 16.39 -32.81
N GLU B 279 -26.20 16.94 -33.33
CA GLU B 279 -26.15 17.75 -34.54
C GLU B 279 -25.31 19.00 -34.28
N PHE B 280 -25.55 19.65 -33.15
CA PHE B 280 -24.79 20.85 -32.80
C PHE B 280 -23.28 20.55 -32.65
N LEU B 281 -22.94 19.52 -31.89
CA LEU B 281 -21.55 19.24 -31.60
C LEU B 281 -20.78 18.74 -32.83
N GLU B 282 -21.37 17.84 -33.60
CA GLU B 282 -20.68 17.27 -34.76
C GLU B 282 -20.58 18.22 -35.95
N ASN B 283 -21.67 18.90 -36.25
CA ASN B 283 -21.75 19.64 -37.51
C ASN B 283 -21.60 21.13 -37.39
N TYR B 284 -21.58 21.63 -36.16
CA TYR B 284 -21.37 23.06 -35.94
C TYR B 284 -20.13 23.35 -35.09
N LEU B 285 -20.02 22.75 -33.91
CA LEU B 285 -18.84 23.03 -33.09
C LEU B 285 -17.56 22.40 -33.65
N LEU B 286 -17.60 21.10 -33.93
CA LEU B 286 -16.39 20.37 -34.32
C LEU B 286 -16.14 20.51 -35.82
N THR B 287 -16.04 21.77 -36.24
CA THR B 287 -15.65 22.18 -37.58
C THR B 287 -14.56 23.24 -37.46
N ASP B 288 -13.82 23.50 -38.53
CA ASP B 288 -12.84 24.57 -38.50
C ASP B 288 -13.45 25.90 -38.06
N GLU B 289 -14.62 26.23 -38.60
CA GLU B 289 -15.28 27.50 -38.29
C GLU B 289 -15.77 27.56 -36.85
N GLY B 290 -16.29 26.44 -36.34
CA GLY B 290 -16.83 26.38 -34.99
C GLY B 290 -15.72 26.53 -33.95
N LEU B 291 -14.67 25.75 -34.11
CA LEU B 291 -13.57 25.82 -33.16
C LEU B 291 -12.83 27.14 -33.24
N GLU B 292 -12.72 27.70 -34.44
CA GLU B 292 -12.10 29.01 -34.57
C GLU B 292 -12.88 30.08 -33.79
N ALA B 293 -14.20 30.02 -33.85
CA ALA B 293 -15.02 30.98 -33.10
C ALA B 293 -14.75 30.92 -31.59
N VAL B 294 -14.63 29.70 -31.07
CA VAL B 294 -14.37 29.54 -29.64
C VAL B 294 -12.94 29.96 -29.33
N ASN B 295 -12.01 29.48 -30.15
CA ASN B 295 -10.58 29.76 -29.97
C ASN B 295 -10.25 31.26 -29.97
N LYS B 296 -10.97 32.03 -30.78
CA LYS B 296 -10.71 33.47 -30.89
C LYS B 296 -11.24 34.23 -29.68
N ASP B 297 -12.13 33.58 -28.90
CA ASP B 297 -12.58 34.14 -27.64
C ASP B 297 -11.49 33.81 -26.61
N LYS B 298 -11.33 32.52 -26.29
CA LYS B 298 -10.23 32.07 -25.42
CA LYS B 298 -10.20 32.10 -25.44
C LYS B 298 -9.58 30.84 -26.04
N PRO B 299 -8.24 30.81 -26.15
CA PRO B 299 -7.63 29.67 -26.84
C PRO B 299 -7.96 28.32 -26.18
N LEU B 300 -8.27 27.33 -27.03
CA LEU B 300 -8.64 26.00 -26.58
C LEU B 300 -7.44 25.12 -26.22
N GLY B 301 -6.28 25.43 -26.78
CA GLY B 301 -5.14 24.54 -26.71
C GLY B 301 -5.01 23.77 -28.01
N ALA B 302 -4.52 22.53 -27.93
CA ALA B 302 -4.36 21.69 -29.12
C ALA B 302 -5.66 20.93 -29.42
N VAL B 303 -6.37 21.36 -30.46
CA VAL B 303 -7.72 20.87 -30.63
C VAL B 303 -7.74 19.44 -31.16
N ALA B 304 -8.84 18.75 -30.88
CA ALA B 304 -8.98 17.35 -31.24
C ALA B 304 -9.24 17.18 -32.74
N LEU B 305 -9.69 18.26 -33.38
CA LEU B 305 -10.03 18.23 -34.80
C LEU B 305 -8.77 18.33 -35.65
N LYS B 306 -8.42 17.24 -36.34
CA LYS B 306 -7.16 17.16 -37.08
C LYS B 306 -6.95 18.35 -38.01
N SER B 307 -8.00 18.72 -38.74
CA SER B 307 -7.88 19.73 -39.78
C SER B 307 -7.55 21.12 -39.24
N TYR B 308 -8.03 21.44 -38.04
CA TYR B 308 -7.77 22.75 -37.45
C TYR B 308 -6.45 22.72 -36.66
N GLU B 309 -6.14 21.58 -36.05
CA GLU B 309 -4.93 21.47 -35.26
C GLU B 309 -3.69 21.59 -36.14
N GLU B 310 -3.80 21.17 -37.40
CA GLU B 310 -2.66 21.27 -38.31
C GLU B 310 -2.28 22.73 -38.56
N GLU B 311 -3.23 23.64 -38.37
CA GLU B 311 -2.92 25.05 -38.44
C GLU B 311 -2.39 25.56 -37.09
N LEU B 312 -3.08 25.22 -36.02
CA LEU B 312 -2.68 25.69 -34.69
C LEU B 312 -1.29 25.19 -34.28
N ALA B 313 -0.89 24.01 -34.76
CA ALA B 313 0.36 23.39 -34.33
C ALA B 313 1.58 24.20 -34.74
N LYS B 314 1.42 25.12 -35.67
CA LYS B 314 2.53 25.96 -36.11
C LYS B 314 2.84 27.08 -35.10
N ASP B 315 1.90 27.33 -34.20
CA ASP B 315 2.03 28.32 -33.13
C ASP B 315 2.98 27.78 -32.06
N PRO B 316 4.08 28.51 -31.75
CA PRO B 316 5.01 27.98 -30.74
C PRO B 316 4.40 27.80 -29.36
N ARG B 317 3.31 28.52 -29.06
CA ARG B 317 2.65 28.37 -27.76
C ARG B 317 1.96 27.01 -27.71
N ILE B 318 1.43 26.59 -28.86
CA ILE B 318 0.81 25.27 -28.98
C ILE B 318 1.88 24.18 -28.99
N ALA B 319 3.00 24.43 -29.64
CA ALA B 319 4.12 23.46 -29.59
C ALA B 319 4.56 23.23 -28.14
N ALA B 320 4.64 24.30 -27.35
CA ALA B 320 5.02 24.20 -25.94
C ALA B 320 3.96 23.49 -25.11
N THR B 321 2.69 23.76 -25.40
CA THR B 321 1.60 23.05 -24.74
C THR B 321 1.75 21.55 -24.95
N MET B 322 2.01 21.17 -26.18
CA MET B 322 2.10 19.74 -26.49
C MET B 322 3.37 19.12 -25.92
N GLU B 323 4.45 19.91 -25.81
CA GLU B 323 5.69 19.42 -25.19
C GLU B 323 5.47 19.13 -23.71
N ASN B 324 4.79 20.04 -23.01
CA ASN B 324 4.43 19.79 -21.63
C ASN B 324 3.43 18.64 -21.49
N ALA B 325 2.50 18.52 -22.45
CA ALA B 325 1.53 17.44 -22.39
C ALA B 325 2.23 16.08 -22.51
N GLN B 326 3.25 16.02 -23.37
CA GLN B 326 3.98 14.76 -23.60
C GLN B 326 4.76 14.35 -22.36
N LYS B 327 5.30 15.33 -21.66
CA LYS B 327 6.05 15.07 -20.44
C LYS B 327 5.13 14.69 -19.28
N GLY B 328 3.87 15.13 -19.35
CA GLY B 328 2.90 14.81 -18.32
C GLY B 328 2.15 13.52 -18.62
N GLU B 329 0.99 13.35 -18.00
CA GLU B 329 0.17 12.16 -18.17
C GLU B 329 -1.27 12.55 -18.40
N ILE B 330 -1.93 11.86 -19.34
CA ILE B 330 -3.37 12.01 -19.53
C ILE B 330 -4.05 11.59 -18.24
N MET B 331 -5.00 12.40 -17.77
CA MET B 331 -5.72 12.05 -16.54
C MET B 331 -6.54 10.79 -16.73
N PRO B 332 -6.61 9.96 -15.67
CA PRO B 332 -7.59 8.87 -15.69
C PRO B 332 -8.99 9.47 -15.72
N ASN B 333 -9.99 8.71 -16.16
CA ASN B 333 -11.36 9.20 -16.09
C ASN B 333 -12.19 8.38 -15.10
N ILE B 334 -11.54 7.52 -14.31
CA ILE B 334 -12.28 6.68 -13.36
C ILE B 334 -13.01 7.51 -12.30
N PRO B 335 -14.11 6.96 -11.75
CA PRO B 335 -14.94 7.71 -10.79
C PRO B 335 -14.18 8.21 -9.56
N GLN B 336 -13.10 7.53 -9.21
CA GLN B 336 -12.32 7.88 -8.02
C GLN B 336 -11.47 9.14 -8.20
N MET B 337 -11.48 9.72 -9.40
CA MET B 337 -10.65 10.91 -9.63
C MET B 337 -11.08 12.11 -8.78
N SER B 338 -12.37 12.33 -8.59
CA SER B 338 -12.79 13.52 -7.85
C SER B 338 -12.34 13.41 -6.37
N ALA B 339 -12.33 12.20 -5.83
CA ALA B 339 -11.87 12.01 -4.45
C ALA B 339 -10.37 12.27 -4.34
N PHE B 340 -9.63 11.81 -5.34
CA PHE B 340 -8.20 12.08 -5.42
C PHE B 340 -7.95 13.59 -5.43
N TRP B 341 -8.67 14.32 -6.28
CA TRP B 341 -8.46 15.76 -6.36
C TRP B 341 -8.82 16.48 -5.06
N TYR B 342 -9.91 16.09 -4.41
CA TYR B 342 -10.32 16.70 -3.15
CA TYR B 342 -10.31 16.70 -3.15
C TYR B 342 -9.23 16.47 -2.11
N ALA B 343 -8.67 15.27 -2.12
CA ALA B 343 -7.64 14.85 -1.17
C ALA B 343 -6.38 15.69 -1.31
N VAL B 344 -5.92 15.85 -2.55
CA VAL B 344 -4.70 16.61 -2.79
C VAL B 344 -4.93 18.10 -2.57
N ARG B 345 -6.13 18.58 -2.88
CA ARG B 345 -6.44 19.99 -2.66
C ARG B 345 -6.25 20.35 -1.19
N THR B 346 -6.80 19.51 -0.32
CA THR B 346 -6.68 19.74 1.12
C THR B 346 -5.22 19.69 1.56
N ALA B 347 -4.50 18.68 1.08
CA ALA B 347 -3.09 18.49 1.43
C ALA B 347 -2.26 19.71 1.06
N VAL B 348 -2.43 20.23 -0.15
CA VAL B 348 -1.59 21.36 -0.53
C VAL B 348 -1.93 22.61 0.27
N ILE B 349 -3.22 22.87 0.46
CA ILE B 349 -3.64 24.04 1.20
C ILE B 349 -3.14 23.99 2.65
N ASN B 350 -3.23 22.82 3.28
CA ASN B 350 -2.82 22.68 4.67
C ASN B 350 -1.30 22.75 4.86
N ALA B 351 -0.55 22.18 3.92
CA ALA B 351 0.91 22.25 3.99
C ALA B 351 1.42 23.65 3.69
N ALA B 352 0.82 24.30 2.70
CA ALA B 352 1.26 25.64 2.32
C ALA B 352 0.99 26.66 3.43
N SER B 353 -0.09 26.45 4.18
CA SER B 353 -0.49 27.40 5.23
C SER B 353 0.28 27.14 6.51
N GLY B 354 0.88 25.96 6.62
CA GLY B 354 1.63 25.58 7.81
C GLY B 354 0.75 24.94 8.87
N ARG B 355 -0.51 24.67 8.49
CA ARG B 355 -1.47 24.02 9.37
C ARG B 355 -1.06 22.56 9.65
N GLN B 356 -0.44 21.93 8.65
CA GLN B 356 0.13 20.61 8.81
C GLN B 356 1.52 20.57 8.18
N THR B 357 2.33 19.62 8.62
CA THR B 357 3.59 19.33 7.94
C THR B 357 3.28 18.67 6.61
N VAL B 358 4.25 18.68 5.69
CA VAL B 358 4.09 18.01 4.41
C VAL B 358 3.81 16.52 4.62
N ASP B 359 4.56 15.91 5.54
CA ASP B 359 4.38 14.49 5.82
C ASP B 359 2.99 14.18 6.36
N ALA B 360 2.48 15.01 7.26
CA ALA B 360 1.15 14.79 7.82
C ALA B 360 0.05 15.04 6.78
N ALA B 361 0.24 16.08 5.98
CA ALA B 361 -0.75 16.43 4.95
C ALA B 361 -0.88 15.34 3.89
N LEU B 362 0.25 14.82 3.41
CA LEU B 362 0.22 13.83 2.34
C LEU B 362 -0.19 12.45 2.86
N ALA B 363 0.11 12.17 4.13
CA ALA B 363 -0.38 10.97 4.77
C ALA B 363 -1.91 10.97 4.82
N ALA B 364 -2.49 12.10 5.18
CA ALA B 364 -3.95 12.24 5.22
C ALA B 364 -4.53 12.16 3.81
N ALA B 365 -3.87 12.80 2.85
CA ALA B 365 -4.33 12.75 1.47
C ALA B 365 -4.30 11.31 0.94
N GLN B 366 -3.26 10.58 1.30
CA GLN B 366 -3.12 9.18 0.89
C GLN B 366 -4.30 8.38 1.42
N THR B 367 -4.60 8.58 2.71
CA THR B 367 -5.71 7.91 3.37
C THR B 367 -7.04 8.27 2.72
N ASN B 368 -7.25 9.55 2.45
CA ASN B 368 -8.48 9.99 1.83
C ASN B 368 -8.67 9.46 0.40
N ALA B 369 -7.59 9.43 -0.38
CA ALA B 369 -7.67 8.96 -1.76
C ALA B 369 -7.87 7.45 -1.83
N ALA B 370 -7.42 6.76 -0.79
CA ALA B 370 -7.48 5.29 -0.71
C ALA B 370 -8.80 4.79 -0.16
N ARG B 371 -9.63 5.69 0.37
CA ARG B 371 -10.85 5.29 1.05
C ARG B 371 -11.92 4.77 0.08
N ALA B 372 -11.91 5.23 -1.16
CA ALA B 372 -12.88 4.72 -2.14
C ALA B 372 -12.78 3.20 -2.27
N PHE B 373 -11.56 2.68 -2.40
CA PHE B 373 -11.35 1.23 -2.41
C PHE B 373 -11.84 0.58 -1.11
N ALA B 374 -11.44 1.15 0.01
CA ALA B 374 -11.72 0.55 1.31
C ALA B 374 -13.22 0.49 1.56
N ALA B 375 -13.92 1.56 1.21
CA ALA B 375 -15.38 1.59 1.35
C ALA B 375 -16.06 0.48 0.56
N ALA B 376 -15.64 0.29 -0.69
CA ALA B 376 -16.23 -0.74 -1.53
C ALA B 376 -15.89 -2.12 -0.95
N LEU B 377 -14.66 -2.28 -0.50
CA LEU B 377 -14.21 -3.56 0.05
C LEU B 377 -14.99 -3.94 1.29
N CYS B 378 -15.14 -3.00 2.23
CA CYS B 378 -15.80 -3.32 3.49
C CYS B 378 -17.29 -3.60 3.28
N ARG B 379 -17.92 -2.89 2.36
CA ARG B 379 -19.33 -3.14 2.07
C ARG B 379 -19.53 -4.48 1.38
N LEU B 380 -18.75 -4.77 0.36
CA LEU B 380 -18.89 -6.03 -0.36
C LEU B 380 -18.57 -7.23 0.54
N SER B 381 -17.54 -7.10 1.38
CA SER B 381 -17.19 -8.18 2.30
CA SER B 381 -17.19 -8.19 2.28
C SER B 381 -18.31 -8.44 3.30
N THR B 382 -18.94 -7.37 3.78
CA THR B 382 -20.04 -7.50 4.75
C THR B 382 -21.20 -8.27 4.13
N TYR B 383 -21.54 -7.95 2.90
CA TYR B 383 -22.63 -8.65 2.21
C TYR B 383 -22.26 -10.12 1.91
N LEU B 384 -21.03 -10.39 1.50
CA LEU B 384 -20.65 -11.78 1.23
C LEU B 384 -20.63 -12.58 2.52
N GLU B 385 -20.35 -11.91 3.63
CA GLU B 385 -20.30 -12.57 4.93
C GLU B 385 -21.68 -13.10 5.32
N GLU B 386 -22.73 -12.48 4.79
CA GLU B 386 -24.10 -12.91 5.11
C GLU B 386 -24.48 -14.23 4.44
N LEU B 387 -23.71 -14.66 3.43
CA LEU B 387 -24.04 -15.90 2.74
C LEU B 387 -23.75 -17.12 3.60
N GLU B 388 -24.68 -18.08 3.60
CA GLU B 388 -24.39 -19.38 4.19
C GLU B 388 -23.30 -20.05 3.36
N ALA B 389 -22.60 -21.02 3.95
CA ALA B 389 -21.51 -21.70 3.28
C ALA B 389 -21.90 -22.21 1.90
N VAL B 390 -23.08 -22.85 1.82
CA VAL B 390 -23.53 -23.39 0.55
C VAL B 390 -23.90 -22.28 -0.43
N GLU B 391 -24.35 -21.13 0.08
CA GLU B 391 -24.68 -20.01 -0.80
C GLU B 391 -23.41 -19.35 -1.35
N LEU B 392 -22.36 -19.27 -0.52
CA LEU B 392 -21.10 -18.69 -0.98
C LEU B 392 -20.50 -19.56 -2.08
N LYS B 393 -20.62 -20.87 -1.91
CA LYS B 393 -20.17 -21.82 -2.92
C LYS B 393 -20.93 -21.61 -4.22
N LYS B 394 -22.25 -21.47 -4.13
CA LYS B 394 -23.06 -21.20 -5.32
C LYS B 394 -22.73 -19.86 -5.97
N PHE B 395 -22.44 -18.86 -5.13
CA PHE B 395 -22.03 -17.55 -5.62
C PHE B 395 -20.77 -17.66 -6.47
N LYS B 396 -19.80 -18.41 -5.95
CA LYS B 396 -18.55 -18.65 -6.66
C LYS B 396 -18.76 -19.40 -7.97
N LEU B 397 -19.62 -20.42 -7.94
CA LEU B 397 -19.83 -21.27 -9.11
C LEU B 397 -20.43 -20.48 -10.26
N TYR B 398 -21.35 -19.56 -9.97
CA TYR B 398 -21.94 -18.75 -11.02
CA TYR B 398 -21.93 -18.76 -11.04
C TYR B 398 -20.89 -17.80 -11.61
N LEU B 399 -20.06 -17.23 -10.76
CA LEU B 399 -19.04 -16.30 -11.23
C LEU B 399 -17.95 -16.98 -12.06
N GLY B 400 -17.78 -18.28 -11.84
CA GLY B 400 -16.72 -19.02 -12.52
C GLY B 400 -17.15 -19.62 -13.85
N THR B 401 -18.45 -19.66 -14.10
CA THR B 401 -18.98 -20.30 -15.30
C THR B 401 -19.68 -19.35 -16.27
N ALA B 402 -20.16 -18.23 -15.74
CA ALA B 402 -21.02 -17.29 -16.47
C ALA B 402 -20.48 -16.91 -17.85
N THR B 403 -21.37 -16.91 -18.84
CA THR B 403 -21.02 -16.56 -20.22
C THR B 403 -20.85 -15.05 -20.39
N ILE B 410 -12.02 -14.84 -13.74
CA ILE B 410 -11.45 -15.18 -12.44
C ILE B 410 -11.28 -16.68 -12.29
N PRO B 411 -10.03 -17.13 -12.05
CA PRO B 411 -9.70 -18.56 -11.94
C PRO B 411 -10.42 -19.21 -10.78
N TRP B 412 -10.87 -20.45 -10.95
CA TRP B 412 -11.52 -21.17 -9.86
C TRP B 412 -10.56 -21.36 -8.69
N GLY B 413 -9.27 -21.51 -9.02
CA GLY B 413 -8.27 -21.73 -7.99
C GLY B 413 -8.12 -20.55 -7.05
N SER B 414 -8.41 -19.35 -7.54
CA SER B 414 -8.35 -18.15 -6.72
C SER B 414 -9.57 -18.05 -5.82
N MET B 415 -10.69 -18.58 -6.27
CA MET B 415 -11.98 -18.43 -5.59
CA MET B 415 -11.95 -18.40 -5.55
C MET B 415 -12.30 -19.55 -4.63
N GLU B 416 -11.96 -20.78 -5.00
CA GLU B 416 -12.44 -21.96 -4.28
C GLU B 416 -12.33 -21.91 -2.77
N LYS B 417 -11.17 -21.51 -2.25
CA LYS B 417 -10.96 -21.49 -0.81
C LYS B 417 -10.99 -20.08 -0.20
N ALA B 418 -11.46 -19.10 -0.97
CA ALA B 418 -11.48 -17.72 -0.50
C ALA B 418 -12.64 -17.45 0.45
N GLY B 419 -12.35 -16.76 1.55
CA GLY B 419 -13.38 -16.27 2.46
C GLY B 419 -14.01 -15.01 1.88
N PRO B 420 -15.01 -14.45 2.60
CA PRO B 420 -15.74 -13.27 2.10
C PRO B 420 -14.85 -12.06 1.84
N LEU B 421 -13.90 -11.77 2.72
CA LEU B 421 -13.02 -10.63 2.50
C LEU B 421 -12.10 -10.82 1.29
N GLU B 422 -11.53 -12.01 1.15
CA GLU B 422 -10.68 -12.31 0.00
C GLU B 422 -11.50 -12.25 -1.28
N MET B 423 -12.71 -12.77 -1.25
CA MET B 423 -13.59 -12.75 -2.43
C MET B 423 -13.91 -11.30 -2.83
N ALA B 424 -14.13 -10.44 -1.84
CA ALA B 424 -14.44 -9.05 -2.13
C ALA B 424 -13.23 -8.40 -2.81
N GLN B 425 -12.04 -8.72 -2.31
CA GLN B 425 -10.78 -8.26 -2.91
CA GLN B 425 -10.80 -8.24 -2.92
C GLN B 425 -10.66 -8.70 -4.37
N LEU B 426 -10.89 -9.98 -4.62
CA LEU B 426 -10.76 -10.54 -5.97
C LEU B 426 -11.69 -9.81 -6.93
N LEU B 427 -12.94 -9.67 -6.51
CA LEU B 427 -13.96 -9.06 -7.35
C LEU B 427 -13.64 -7.59 -7.69
N ILE B 428 -13.27 -6.80 -6.70
CA ILE B 428 -13.03 -5.38 -6.92
C ILE B 428 -11.79 -5.16 -7.80
N THR B 429 -10.77 -5.98 -7.57
CA THR B 429 -9.55 -5.92 -8.37
C THR B 429 -9.85 -6.26 -9.83
N HIS B 430 -10.64 -7.30 -10.03
CA HIS B 430 -10.89 -7.85 -11.36
C HIS B 430 -11.93 -7.06 -12.16
N PHE B 431 -12.89 -6.43 -11.47
CA PHE B 431 -13.97 -5.74 -12.16
C PHE B 431 -14.01 -4.23 -11.93
N GLY B 432 -13.31 -3.73 -10.92
CA GLY B 432 -13.49 -2.37 -10.46
C GLY B 432 -14.57 -2.40 -9.41
N PRO B 433 -14.62 -1.40 -8.52
CA PRO B 433 -15.56 -1.43 -7.39
C PRO B 433 -17.03 -1.36 -7.80
N GLU B 434 -17.35 -0.49 -8.75
CA GLU B 434 -18.74 -0.29 -9.17
C GLU B 434 -19.32 -1.56 -9.77
N GLU B 435 -18.61 -2.15 -10.72
CA GLU B 435 -19.10 -3.35 -11.38
C GLU B 435 -19.09 -4.55 -10.45
N ALA B 436 -18.09 -4.63 -9.57
CA ALA B 436 -18.01 -5.74 -8.63
C ALA B 436 -19.28 -5.78 -7.78
N TRP B 437 -19.69 -4.61 -7.32
CA TRP B 437 -20.86 -4.47 -6.46
C TRP B 437 -22.14 -4.84 -7.21
N ARG B 438 -22.30 -4.31 -8.42
CA ARG B 438 -23.49 -4.61 -9.20
C ARG B 438 -23.56 -6.09 -9.57
N LEU B 439 -22.42 -6.66 -9.93
CA LEU B 439 -22.35 -8.09 -10.23
C LEU B 439 -22.70 -8.94 -9.01
N ALA B 440 -22.18 -8.55 -7.85
CA ALA B 440 -22.52 -9.23 -6.61
C ALA B 440 -24.03 -9.24 -6.36
N LEU B 441 -24.65 -8.07 -6.44
CA LEU B 441 -26.07 -7.96 -6.14
C LEU B 441 -26.87 -8.81 -7.13
N SER B 442 -26.46 -8.74 -8.40
CA SER B 442 -27.10 -9.53 -9.45
C SER B 442 -27.04 -11.02 -9.15
N THR B 443 -25.89 -11.46 -8.64
CA THR B 443 -25.70 -12.88 -8.33
C THR B 443 -26.47 -13.30 -7.08
N PHE B 444 -26.61 -12.37 -6.12
CA PHE B 444 -27.41 -12.65 -4.92
C PHE B 444 -28.82 -13.07 -5.32
N GLU B 445 -29.37 -12.32 -6.28
CA GLU B 445 -30.70 -12.59 -6.81
C GLU B 445 -30.76 -13.96 -7.46
N ARG B 446 -29.64 -14.38 -8.04
CA ARG B 446 -29.55 -15.61 -8.80
C ARG B 446 -29.44 -16.85 -7.91
N ILE B 447 -28.97 -16.66 -6.69
CA ILE B 447 -28.73 -17.78 -5.78
C ILE B 447 -29.72 -17.80 -4.61
N ASN B 448 -30.92 -17.28 -4.86
CA ASN B 448 -32.01 -17.26 -3.88
C ASN B 448 -31.72 -16.39 -2.66
N ARG B 449 -30.97 -15.31 -2.87
CA ARG B 449 -30.82 -14.31 -1.80
C ARG B 449 -31.28 -12.95 -2.31
N LYS B 450 -32.54 -12.88 -2.75
CA LYS B 450 -33.09 -11.62 -3.23
C LYS B 450 -33.17 -10.60 -2.09
N ASP B 451 -33.14 -11.07 -0.85
CA ASP B 451 -33.13 -10.16 0.30
C ASP B 451 -31.87 -9.29 0.30
N LEU B 452 -30.73 -9.90 -0.06
CA LEU B 452 -29.48 -9.15 -0.12
C LEU B 452 -29.49 -8.22 -1.31
N TRP B 453 -30.10 -8.68 -2.40
CA TRP B 453 -30.27 -7.83 -3.57
C TRP B 453 -31.10 -6.60 -3.19
N GLU B 454 -32.21 -6.83 -2.50
CA GLU B 454 -33.10 -5.74 -2.11
C GLU B 454 -32.41 -4.76 -1.16
N ARG B 455 -31.81 -5.27 -0.09
CA ARG B 455 -31.14 -4.41 0.87
C ARG B 455 -29.97 -3.69 0.22
N GLY B 456 -29.27 -4.39 -0.68
CA GLY B 456 -28.11 -3.83 -1.35
C GLY B 456 -28.47 -2.67 -2.25
N GLN B 457 -29.63 -2.78 -2.91
CA GLN B 457 -30.09 -1.73 -3.82
C GLN B 457 -30.32 -0.42 -3.09
N ARG B 458 -30.56 -0.50 -1.78
CA ARG B 458 -30.89 0.67 -0.98
C ARG B 458 -29.65 1.29 -0.32
N GLU B 459 -28.49 0.68 -0.53
CA GLU B 459 -27.23 1.23 -0.04
C GLU B 459 -26.80 2.48 -0.83
N ASP B 460 -25.87 3.25 -0.26
CA ASP B 460 -25.39 4.47 -0.89
C ASP B 460 -23.97 4.30 -1.43
C1 GLC C . 14.06 -23.15 14.00
C2 GLC C . 14.03 -21.73 14.57
C3 GLC C . 12.68 -21.08 14.33
C4 GLC C . 12.31 -21.17 12.85
C5 GLC C . 12.38 -22.62 12.37
C6 GLC C . 12.12 -22.70 10.86
O1 GLC C . 13.19 -23.96 14.75
O2 GLC C . 14.34 -21.78 15.97
O3 GLC C . 12.69 -19.73 14.74
O4 GLC C . 10.99 -20.67 12.67
O5 GLC C . 13.67 -23.16 12.64
O6 GLC C . 11.73 -24.01 10.50
C1 GLC C . 10.86 -19.36 12.15
C2 GLC C . 9.78 -18.63 12.95
C3 GLC C . 8.48 -19.40 12.78
C4 GLC C . 8.09 -19.48 11.31
C5 GLC C . 9.26 -20.07 10.50
C6 GLC C . 8.97 -19.96 9.00
O2 GLC C . 10.16 -18.60 14.32
O3 GLC C . 7.46 -18.78 13.55
O4 GLC C . 6.92 -20.28 11.16
O5 GLC C . 10.46 -19.40 10.79
O6 GLC C . 9.85 -20.81 8.29
C1 GLC D . -9.10 24.50 -15.92
C2 GLC D . -8.98 23.12 -16.57
C3 GLC D . -9.49 22.01 -15.66
C4 GLC D . -8.86 22.13 -14.28
C5 GLC D . -9.11 23.52 -13.72
C6 GLC D . -8.41 23.70 -12.37
O1 GLC D . -10.45 24.91 -15.89
O2 GLC D . -9.75 23.12 -17.75
O3 GLC D . -9.19 20.75 -16.23
O4 GLC D . -9.44 21.17 -13.43
O5 GLC D . -8.62 24.52 -14.59
O6 GLC D . -8.88 24.86 -11.72
C1 GLC D . -8.72 19.99 -13.19
C2 GLC D . -9.64 18.78 -13.26
C3 GLC D . -10.72 18.96 -12.21
C4 GLC D . -10.07 19.05 -10.82
C5 GLC D . -9.06 20.19 -10.80
C6 GLC D . -8.23 20.15 -9.51
O2 GLC D . -10.21 18.72 -14.56
O3 GLC D . -11.59 17.84 -12.24
O4 GLC D . -11.06 19.22 -9.82
O5 GLC D . -8.16 20.07 -11.89
O6 GLC D . -7.63 21.42 -9.27
C FMT E . 35.51 -29.40 -6.32
O1 FMT E . 35.20 -28.22 -6.17
O2 FMT E . 36.30 -30.01 -5.59
C FMT F . -16.53 7.47 6.14
O1 FMT F . -15.43 7.92 6.47
O2 FMT F . -17.19 6.64 6.78
NA NA G . 33.23 -34.68 14.40
NA NA H . 2.57 -19.62 9.74
C FMT I . 7.34 44.24 -17.30
O1 FMT I . 6.45 44.00 -18.12
O2 FMT I . 7.18 44.68 -16.16
C FMT J . -13.81 20.31 -7.23
O1 FMT J . -13.58 21.52 -7.11
O2 FMT J . -14.59 19.83 -8.07
NA NA K . -9.38 36.09 -27.51
NA NA L . 3.44 11.33 -21.21
NA NA M . -0.48 43.14 -25.54
NA NA N . -2.61 42.87 -27.93
NA NA O . -12.89 16.91 -6.17
#